data_8Y9O
#
_entry.id   8Y9O
#
_cell.length_a   85.314
_cell.length_b   64.042
_cell.length_c   114.958
_cell.angle_alpha   90.000
_cell.angle_beta   104.790
_cell.angle_gamma   90.000
#
_symmetry.space_group_name_H-M   'P 1 21 1'
#
loop_
_entity.id
_entity.type
_entity.pdbx_description
1 polymer 'Probable esterase KAI2'
2 non-polymer (7-methyl-2,3-dihydroindol-1-yl)-(1,2,3-triazol-1-yl)methanone
3 water water
#
_entity_poly.entity_id   1
_entity_poly.type   'polypeptide(L)'
_entity_poly.pdbx_seq_one_letter_code
;GPGYQDPMGVVEEAHNVKVIGSGEATIVLGHGFGTDQSVWKHLVPHLVDDYRVVLYDNMGAGTTNPDYFDFDRYSNLEGY
SFDLIAILEDLKIESCIFVGHSVSAMIGVLASLNRPDLFSKIVMISASPRYVNDVDYQGGFEQEDLNQLFEAIRSNYKAW
CLGFAPLAVGGDMDSIAVQEFSRTLFNMRPDIALSVGQTIFQSDMRQILPFVTVPCHILQSVKDLAVPVVVSEYLHANLG
CESVVEVIPSDGHLPQLSSPDSVIPVILRHIRNDIAM
;
_entity_poly.pdbx_strand_id   A,B,C
#
# COMPACT_ATOMS: atom_id res chain seq x y z
N GLY A 9 -13.51 -8.64 13.71
CA GLY A 9 -12.49 -9.14 14.63
C GLY A 9 -11.08 -9.03 14.07
N VAL A 10 -10.09 -8.99 14.96
CA VAL A 10 -8.71 -8.80 14.52
C VAL A 10 -8.23 -10.00 13.69
N VAL A 11 -8.61 -11.22 14.06
CA VAL A 11 -7.99 -12.35 13.39
C VAL A 11 -8.70 -12.64 12.06
N GLU A 12 -10.00 -12.36 11.98
CA GLU A 12 -10.67 -12.46 10.70
C GLU A 12 -10.18 -11.38 9.75
N GLU A 13 -9.96 -10.17 10.27
CA GLU A 13 -9.32 -9.12 9.48
C GLU A 13 -7.90 -9.51 9.10
N ALA A 14 -7.14 -10.09 10.04
CA ALA A 14 -5.76 -10.45 9.77
C ALA A 14 -5.66 -11.50 8.68
N HIS A 15 -6.67 -12.34 8.55
CA HIS A 15 -6.66 -13.42 7.56
C HIS A 15 -7.61 -13.15 6.40
N ASN A 16 -8.15 -11.94 6.27
CA ASN A 16 -9.01 -11.58 5.15
C ASN A 16 -10.15 -12.59 5.01
N VAL A 17 -10.74 -12.93 6.15
CA VAL A 17 -11.81 -13.91 6.17
C VAL A 17 -13.02 -13.33 5.46
N LYS A 18 -13.61 -14.14 4.57
CA LYS A 18 -14.88 -13.81 3.95
C LYS A 18 -15.81 -14.99 4.15
N VAL A 19 -17.07 -14.71 4.42
CA VAL A 19 -18.07 -15.75 4.55
C VAL A 19 -19.18 -15.42 3.56
N ILE A 20 -19.45 -16.34 2.64
CA ILE A 20 -20.45 -16.10 1.59
C ILE A 20 -21.33 -17.34 1.44
N GLY A 21 -22.21 -17.33 0.44
CA GLY A 21 -23.15 -18.44 0.28
C GLY A 21 -24.07 -18.63 1.48
N SER A 22 -24.85 -19.71 1.42
CA SER A 22 -25.77 -20.04 2.49
C SER A 22 -26.11 -21.52 2.46
N GLY A 23 -26.07 -22.17 3.61
CA GLY A 23 -26.46 -23.56 3.70
C GLY A 23 -26.57 -23.97 5.14
N GLU A 24 -27.08 -25.19 5.34
CA GLU A 24 -26.96 -25.80 6.66
C GLU A 24 -25.56 -26.40 6.85
N ALA A 25 -24.74 -26.42 5.81
CA ALA A 25 -23.42 -27.02 5.84
C ALA A 25 -22.36 -25.97 5.54
N THR A 26 -21.29 -25.97 6.31
CA THR A 26 -20.21 -25.01 6.11
C THR A 26 -19.02 -25.70 5.48
N ILE A 27 -18.43 -25.04 4.49
CA ILE A 27 -17.21 -25.50 3.84
C ILE A 27 -16.14 -24.42 3.99
N VAL A 28 -14.94 -24.82 4.38
CA VAL A 28 -13.83 -23.91 4.62
C VAL A 28 -12.73 -24.25 3.63
N LEU A 29 -12.20 -23.24 2.93
CA LEU A 29 -11.25 -23.42 1.84
C LEU A 29 -9.90 -22.83 2.25
N GLY A 30 -8.86 -23.66 2.25
CA GLY A 30 -7.53 -23.18 2.63
C GLY A 30 -6.55 -23.28 1.47
N HIS A 31 -5.78 -22.24 1.19
CA HIS A 31 -4.97 -22.18 -0.01
C HIS A 31 -3.54 -22.63 0.28
N GLY A 32 -2.76 -22.79 -0.80
CA GLY A 32 -1.39 -23.26 -0.71
C GLY A 32 -0.35 -22.15 -0.81
N PHE A 33 0.91 -22.58 -0.79
CA PHE A 33 2.05 -21.66 -0.90
C PHE A 33 1.98 -20.82 -2.16
N GLY A 34 2.25 -19.52 -2.01
CA GLY A 34 2.41 -18.63 -3.15
C GLY A 34 1.13 -18.03 -3.69
N THR A 35 -0.03 -18.42 -3.17
CA THR A 35 -1.32 -17.95 -3.67
C THR A 35 -2.15 -17.44 -2.51
N ASP A 36 -3.44 -17.26 -2.74
CA ASP A 36 -4.33 -16.83 -1.66
C ASP A 36 -5.72 -17.36 -1.97
N GLN A 37 -6.71 -16.87 -1.24
CA GLN A 37 -8.05 -17.41 -1.39
C GLN A 37 -8.55 -17.22 -2.81
N SER A 38 -7.94 -16.34 -3.60
CA SER A 38 -8.35 -16.20 -4.99
C SER A 38 -8.12 -17.48 -5.79
N VAL A 39 -7.33 -18.42 -5.26
CA VAL A 39 -7.13 -19.68 -5.93
C VAL A 39 -8.43 -20.44 -6.07
N TRP A 40 -9.43 -20.12 -5.25
CA TRP A 40 -10.70 -20.85 -5.29
C TRP A 40 -11.74 -20.22 -6.21
N LYS A 41 -11.34 -19.27 -7.06
CA LYS A 41 -12.33 -18.47 -7.80
C LYS A 41 -13.20 -19.31 -8.74
N HIS A 42 -12.72 -20.45 -9.23
CA HIS A 42 -13.56 -21.26 -10.12
C HIS A 42 -14.40 -22.29 -9.38
N LEU A 43 -14.12 -22.51 -8.09
CA LEU A 43 -14.88 -23.47 -7.29
C LEU A 43 -16.03 -22.81 -6.55
N VAL A 44 -15.81 -21.63 -5.98
CA VAL A 44 -16.78 -20.96 -5.11
C VAL A 44 -18.13 -20.76 -5.78
N PRO A 45 -18.22 -20.36 -7.06
CA PRO A 45 -19.56 -20.20 -7.67
C PRO A 45 -20.42 -21.45 -7.63
N HIS A 46 -19.81 -22.64 -7.60
CA HIS A 46 -20.57 -23.89 -7.52
C HIS A 46 -20.91 -24.29 -6.08
N LEU A 47 -20.44 -23.56 -5.08
CA LEU A 47 -20.69 -23.88 -3.68
C LEU A 47 -21.72 -22.98 -3.02
N VAL A 48 -21.80 -21.71 -3.43
CA VAL A 48 -22.54 -20.71 -2.66
C VAL A 48 -24.03 -20.99 -2.58
N ASP A 49 -24.60 -21.75 -3.51
CA ASP A 49 -26.03 -22.02 -3.46
C ASP A 49 -26.40 -23.09 -2.44
N ASP A 50 -25.46 -23.99 -2.11
CA ASP A 50 -25.71 -25.10 -1.21
C ASP A 50 -24.98 -25.02 0.12
N TYR A 51 -23.93 -24.22 0.22
CA TYR A 51 -23.11 -24.17 1.41
C TYR A 51 -22.84 -22.73 1.82
N ARG A 52 -22.55 -22.59 3.11
CA ARG A 52 -21.88 -21.42 3.64
C ARG A 52 -20.38 -21.61 3.42
N VAL A 53 -19.74 -20.67 2.75
CA VAL A 53 -18.36 -20.84 2.30
C VAL A 53 -17.49 -19.88 3.07
N VAL A 54 -16.43 -20.41 3.69
CA VAL A 54 -15.47 -19.59 4.41
C VAL A 54 -14.15 -19.61 3.65
N LEU A 55 -13.70 -18.43 3.23
CA LEU A 55 -12.39 -18.25 2.63
C LEU A 55 -11.50 -17.48 3.59
N TYR A 56 -10.22 -17.83 3.62
CA TYR A 56 -9.26 -17.11 4.45
C TYR A 56 -7.89 -17.26 3.81
N ASP A 57 -7.02 -16.31 4.13
CA ASP A 57 -5.62 -16.31 3.70
C ASP A 57 -4.73 -16.77 4.84
N ASN A 58 -3.74 -17.61 4.51
CA ASN A 58 -2.74 -18.00 5.48
C ASN A 58 -1.83 -16.81 5.81
N MET A 59 -1.49 -16.67 7.08
CA MET A 59 -0.54 -15.64 7.44
C MET A 59 0.75 -15.84 6.64
N GLY A 60 1.33 -14.73 6.17
CA GLY A 60 2.45 -14.77 5.27
C GLY A 60 2.09 -14.64 3.80
N ALA A 61 0.84 -14.87 3.43
CA ALA A 61 0.45 -14.63 2.05
C ALA A 61 0.66 -13.16 1.70
N GLY A 62 0.92 -12.89 0.43
CA GLY A 62 1.13 -11.53 -0.05
C GLY A 62 -0.01 -10.58 0.28
N THR A 63 -1.21 -11.11 0.50
CA THR A 63 -2.35 -10.30 0.90
C THR A 63 -2.38 -9.97 2.39
N THR A 64 -1.45 -10.48 3.18
CA THR A 64 -1.53 -10.28 4.61
C THR A 64 -0.43 -9.32 5.08
N ASN A 65 -0.63 -8.80 6.29
CA ASN A 65 0.25 -7.77 6.83
C ASN A 65 1.54 -8.42 7.31
N PRO A 66 2.71 -8.04 6.76
CA PRO A 66 3.96 -8.65 7.20
C PRO A 66 4.27 -8.40 8.65
N ASP A 67 3.71 -7.34 9.23
CA ASP A 67 3.87 -7.06 10.66
C ASP A 67 3.33 -8.21 11.50
N TYR A 68 2.37 -8.98 10.97
CA TYR A 68 1.77 -10.07 11.73
C TYR A 68 2.46 -11.42 11.54
N PHE A 69 3.49 -11.50 10.69
CA PHE A 69 4.13 -12.79 10.46
C PHE A 69 5.12 -13.06 11.58
N ASP A 70 4.82 -14.07 12.39
CA ASP A 70 5.60 -14.43 13.57
C ASP A 70 6.46 -15.63 13.19
N PHE A 71 7.76 -15.40 12.95
CA PHE A 71 8.62 -16.49 12.49
C PHE A 71 8.60 -17.66 13.47
N ASP A 72 8.57 -17.37 14.78
CA ASP A 72 8.46 -18.44 15.77
C ASP A 72 7.18 -19.24 15.58
N ARG A 73 6.03 -18.55 15.51
CA ARG A 73 4.76 -19.25 15.42
C ARG A 73 4.67 -20.11 14.17
N TYR A 74 5.28 -19.68 13.06
CA TYR A 74 5.14 -20.38 11.79
C TYR A 74 6.39 -21.16 11.39
N SER A 75 7.32 -21.38 12.32
CA SER A 75 8.39 -22.32 12.00
C SER A 75 7.90 -23.77 11.94
N ASN A 76 6.62 -23.99 12.17
CA ASN A 76 5.98 -25.28 12.24
C ASN A 76 4.61 -25.15 11.59
N LEU A 77 4.15 -26.21 10.94
CA LEU A 77 2.83 -26.12 10.32
C LEU A 77 1.71 -25.98 11.34
N GLU A 78 1.94 -26.41 12.58
CA GLU A 78 0.87 -26.33 13.57
C GLU A 78 0.52 -24.88 13.92
N GLY A 79 1.43 -23.95 13.71
CA GLY A 79 1.07 -22.55 13.84
C GLY A 79 -0.05 -22.15 12.91
N TYR A 80 -0.03 -22.67 11.67
CA TYR A 80 -1.14 -22.42 10.77
C TYR A 80 -2.39 -23.18 11.17
N SER A 81 -2.24 -24.40 11.69
CA SER A 81 -3.41 -25.13 12.16
C SER A 81 -4.10 -24.40 13.31
N PHE A 82 -3.31 -23.78 14.19
CA PHE A 82 -3.91 -23.02 15.28
C PHE A 82 -4.63 -21.77 14.76
N ASP A 83 -4.09 -21.13 13.73
CA ASP A 83 -4.83 -20.04 13.11
C ASP A 83 -6.18 -20.53 12.58
N LEU A 84 -6.20 -21.68 11.92
CA LEU A 84 -7.45 -22.19 11.35
C LEU A 84 -8.47 -22.50 12.43
N ILE A 85 -8.04 -23.13 13.52
CA ILE A 85 -8.95 -23.39 14.63
C ILE A 85 -9.46 -22.08 15.22
N ALA A 86 -8.58 -21.07 15.35
CA ALA A 86 -9.02 -19.79 15.90
C ALA A 86 -10.01 -19.11 14.97
N ILE A 87 -9.90 -19.31 13.66
CA ILE A 87 -10.88 -18.74 12.75
C ILE A 87 -12.22 -19.43 12.94
N LEU A 88 -12.20 -20.76 13.03
CA LEU A 88 -13.43 -21.53 13.17
C LEU A 88 -14.18 -21.14 14.45
N GLU A 89 -13.44 -20.99 15.55
CA GLU A 89 -14.07 -20.66 16.82
C GLU A 89 -14.67 -19.26 16.79
N ASP A 90 -13.93 -18.30 16.26
CA ASP A 90 -14.44 -16.93 16.21
C ASP A 90 -15.69 -16.82 15.34
N LEU A 91 -15.79 -17.63 14.29
CA LEU A 91 -16.98 -17.70 13.48
C LEU A 91 -18.07 -18.56 14.12
N LYS A 92 -17.80 -19.15 15.28
CA LYS A 92 -18.73 -20.03 15.98
C LYS A 92 -19.07 -21.25 15.12
N ILE A 93 -18.14 -21.71 14.30
CA ILE A 93 -18.35 -22.88 13.47
C ILE A 93 -17.97 -24.12 14.28
N GLU A 94 -18.91 -25.04 14.44
CA GLU A 94 -18.69 -26.25 15.20
C GLU A 94 -18.44 -27.47 14.32
N SER A 95 -18.60 -27.33 13.01
CA SER A 95 -18.41 -28.44 12.10
C SER A 95 -18.30 -27.87 10.70
N CYS A 96 -17.31 -28.33 9.94
CA CYS A 96 -17.19 -27.92 8.55
C CYS A 96 -16.60 -29.05 7.72
N ILE A 97 -16.82 -28.96 6.41
CA ILE A 97 -15.99 -29.65 5.44
C ILE A 97 -14.78 -28.75 5.17
N PHE A 98 -13.58 -29.30 5.30
CA PHE A 98 -12.37 -28.52 5.00
C PHE A 98 -11.80 -28.96 3.65
N VAL A 99 -11.53 -28.00 2.78
CA VAL A 99 -10.86 -28.26 1.50
C VAL A 99 -9.48 -27.60 1.57
N GLY A 100 -8.44 -28.42 1.54
CA GLY A 100 -7.10 -27.92 1.76
C GLY A 100 -6.24 -28.10 0.52
N HIS A 101 -5.79 -27.00 -0.06
CA HIS A 101 -4.88 -27.02 -1.20
C HIS A 101 -3.43 -27.05 -0.72
N SER A 102 -2.66 -28.00 -1.24
CA SER A 102 -1.24 -28.13 -0.97
C SER A 102 -0.95 -28.14 0.53
N VAL A 103 -0.18 -27.18 1.05
CA VAL A 103 0.16 -27.20 2.47
C VAL A 103 -1.10 -27.17 3.34
N SER A 104 -2.17 -26.51 2.88
CA SER A 104 -3.38 -26.47 3.70
C SER A 104 -3.98 -27.84 3.92
N ALA A 105 -3.70 -28.81 3.05
CA ALA A 105 -4.17 -30.15 3.36
C ALA A 105 -3.49 -30.69 4.61
N MET A 106 -2.20 -30.45 4.76
CA MET A 106 -1.51 -30.90 5.96
C MET A 106 -1.86 -30.03 7.17
N ILE A 107 -2.05 -28.71 6.96
CA ILE A 107 -2.54 -27.85 8.04
C ILE A 107 -3.90 -28.34 8.51
N GLY A 108 -4.79 -28.65 7.58
CA GLY A 108 -6.09 -29.19 7.96
C GLY A 108 -5.97 -30.51 8.70
N VAL A 109 -5.00 -31.35 8.31
CA VAL A 109 -4.81 -32.60 9.04
C VAL A 109 -4.37 -32.33 10.48
N LEU A 110 -3.34 -31.51 10.67
CA LEU A 110 -2.90 -31.19 12.03
C LEU A 110 -4.04 -30.58 12.86
N ALA A 111 -4.79 -29.65 12.28
CA ALA A 111 -5.91 -29.05 13.03
C ALA A 111 -6.93 -30.11 13.42
N SER A 112 -7.13 -31.12 12.57
CA SER A 112 -8.07 -32.19 12.91
C SER A 112 -7.50 -33.14 13.96
N LEU A 113 -6.19 -33.19 14.14
CA LEU A 113 -5.67 -33.96 15.25
C LEU A 113 -5.95 -33.25 16.59
N ASN A 114 -5.85 -31.92 16.59
CA ASN A 114 -6.09 -31.10 17.78
C ASN A 114 -7.58 -31.00 18.08
N ARG A 115 -8.40 -30.85 17.04
CA ARG A 115 -9.84 -30.66 17.18
C ARG A 115 -10.58 -31.51 16.13
N PRO A 116 -10.61 -32.83 16.31
CA PRO A 116 -11.34 -33.67 15.33
C PRO A 116 -12.82 -33.37 15.29
N ASP A 117 -13.35 -32.78 16.35
CA ASP A 117 -14.76 -32.41 16.39
C ASP A 117 -15.13 -31.35 15.34
N LEU A 118 -14.18 -30.54 14.87
CA LEU A 118 -14.54 -29.45 13.97
C LEU A 118 -14.64 -29.85 12.49
N PHE A 119 -14.24 -31.06 12.10
CA PHE A 119 -14.16 -31.43 10.69
C PHE A 119 -14.93 -32.72 10.43
N SER A 120 -15.87 -32.67 9.49
CA SER A 120 -16.58 -33.87 9.07
C SER A 120 -15.89 -34.56 7.89
N LYS A 121 -14.94 -33.90 7.25
CA LYS A 121 -14.37 -34.34 5.98
C LYS A 121 -13.22 -33.42 5.65
N ILE A 122 -12.13 -33.99 5.13
CA ILE A 122 -11.03 -33.20 4.57
C ILE A 122 -10.90 -33.57 3.08
N VAL A 123 -11.02 -32.59 2.21
CA VAL A 123 -10.77 -32.79 0.78
C VAL A 123 -9.42 -32.17 0.47
N MET A 124 -8.45 -33.00 0.11
CA MET A 124 -7.08 -32.57 -0.19
C MET A 124 -6.89 -32.37 -1.68
N ILE A 125 -6.27 -31.25 -2.05
CA ILE A 125 -5.88 -30.99 -3.43
C ILE A 125 -4.38 -30.77 -3.44
N SER A 126 -3.64 -31.63 -4.17
CA SER A 126 -2.19 -31.50 -4.34
C SER A 126 -1.43 -31.63 -3.03
N ALA A 127 -1.87 -32.57 -2.17
CA ALA A 127 -1.28 -32.79 -0.85
C ALA A 127 -0.04 -33.67 -0.91
N SER A 128 0.84 -33.47 0.08
CA SER A 128 2.01 -34.30 0.31
C SER A 128 2.42 -34.24 1.77
N PRO A 129 2.67 -35.38 2.42
CA PRO A 129 3.22 -35.36 3.78
C PRO A 129 4.71 -35.12 3.84
N ARG A 130 5.43 -35.23 2.72
CA ARG A 130 6.88 -35.04 2.70
C ARG A 130 7.36 -34.90 1.27
N TYR A 131 8.12 -33.84 0.95
CA TYR A 131 8.58 -33.64 -0.42
C TYR A 131 9.97 -34.23 -0.68
N VAL A 132 10.82 -34.28 0.34
CA VAL A 132 12.16 -34.84 0.19
C VAL A 132 12.09 -36.37 0.17
N ASN A 133 12.84 -36.98 -0.76
CA ASN A 133 12.91 -38.42 -0.79
C ASN A 133 13.52 -38.96 0.51
N ASP A 134 13.08 -40.16 0.91
CA ASP A 134 13.59 -40.88 2.07
C ASP A 134 13.68 -42.35 1.70
N VAL A 135 14.08 -43.18 2.67
CA VAL A 135 14.26 -44.60 2.40
C VAL A 135 12.89 -45.22 2.12
N ASP A 136 12.76 -45.85 0.96
CA ASP A 136 11.48 -46.38 0.50
C ASP A 136 10.39 -45.31 0.52
N TYR A 137 10.76 -44.05 0.28
CA TYR A 137 9.78 -42.98 0.18
C TYR A 137 10.21 -42.04 -0.94
N GLN A 138 9.39 -41.93 -1.97
CA GLN A 138 9.62 -40.99 -3.05
C GLN A 138 8.68 -39.81 -2.88
N GLY A 139 9.25 -38.65 -2.54
CA GLY A 139 8.48 -37.43 -2.41
C GLY A 139 8.66 -36.52 -3.60
N GLY A 140 9.74 -36.69 -4.35
CA GLY A 140 9.98 -35.96 -5.58
C GLY A 140 11.16 -35.03 -5.56
N PHE A 141 11.81 -34.85 -4.42
CA PHE A 141 12.88 -33.86 -4.34
C PHE A 141 14.05 -34.44 -3.55
N GLU A 142 15.25 -34.16 -4.02
CA GLU A 142 16.41 -34.36 -3.18
C GLU A 142 16.72 -33.06 -2.45
N GLN A 143 17.44 -33.17 -1.34
CA GLN A 143 17.79 -31.98 -0.58
C GLN A 143 18.54 -30.97 -1.43
N GLU A 144 19.33 -31.45 -2.41
CA GLU A 144 20.05 -30.52 -3.27
C GLU A 144 19.12 -29.73 -4.17
N ASP A 145 17.99 -30.33 -4.58
CA ASP A 145 17.01 -29.57 -5.36
C ASP A 145 16.45 -28.41 -4.54
N LEU A 146 16.05 -28.68 -3.30
CA LEU A 146 15.49 -27.62 -2.46
C LEU A 146 16.53 -26.54 -2.18
N ASN A 147 17.79 -26.94 -1.95
CA ASN A 147 18.84 -25.96 -1.70
C ASN A 147 19.02 -25.02 -2.88
N GLN A 148 18.99 -25.55 -4.10
CA GLN A 148 19.03 -24.71 -5.29
C GLN A 148 17.85 -23.74 -5.32
N LEU A 149 16.68 -24.20 -4.89
CA LEU A 149 15.50 -23.34 -4.87
C LEU A 149 15.65 -22.19 -3.88
N PHE A 150 16.12 -22.51 -2.67
CA PHE A 150 16.30 -21.46 -1.66
C PHE A 150 17.37 -20.46 -2.11
N GLU A 151 18.42 -20.94 -2.78
CA GLU A 151 19.46 -20.03 -3.24
C GLU A 151 18.93 -19.13 -4.34
N ALA A 152 18.10 -19.67 -5.24
CA ALA A 152 17.51 -18.82 -6.27
C ALA A 152 16.61 -17.76 -5.66
N ILE A 153 15.86 -18.13 -4.62
CA ILE A 153 15.02 -17.17 -3.91
C ILE A 153 15.86 -16.03 -3.36
N ARG A 154 16.94 -16.38 -2.63
CA ARG A 154 17.81 -15.36 -2.04
C ARG A 154 18.46 -14.48 -3.10
N SER A 155 18.79 -15.06 -4.25
CA SER A 155 19.68 -14.40 -5.18
C SER A 155 18.96 -13.32 -5.99
N ASN A 156 17.73 -13.62 -6.42
CA ASN A 156 16.96 -12.69 -7.24
C ASN A 156 15.52 -13.17 -7.20
N TYR A 157 14.74 -12.57 -6.29
CA TYR A 157 13.40 -13.09 -6.02
C TYR A 157 12.51 -12.98 -7.25
N LYS A 158 12.56 -11.85 -7.95
CA LYS A 158 11.72 -11.66 -9.13
C LYS A 158 12.05 -12.67 -10.21
N ALA A 159 13.34 -12.93 -10.44
CA ALA A 159 13.73 -13.93 -11.43
C ALA A 159 13.29 -15.33 -11.02
N TRP A 160 13.35 -15.62 -9.72
CA TRP A 160 12.89 -16.94 -9.27
C TRP A 160 11.39 -17.09 -9.50
N CYS A 161 10.61 -16.08 -9.11
CA CYS A 161 9.16 -16.13 -9.30
C CYS A 161 8.79 -16.38 -10.77
N LEU A 162 9.47 -15.71 -11.71
CA LEU A 162 9.12 -15.87 -13.12
C LEU A 162 9.46 -17.25 -13.65
N GLY A 163 10.52 -17.87 -13.14
CA GLY A 163 10.85 -19.21 -13.57
C GLY A 163 10.05 -20.29 -12.87
N PHE A 164 9.69 -20.05 -11.61
CA PHE A 164 8.98 -21.03 -10.80
C PHE A 164 7.52 -21.14 -11.18
N ALA A 165 6.84 -20.01 -11.32
CA ALA A 165 5.40 -20.00 -11.59
C ALA A 165 4.95 -20.88 -12.74
N PRO A 166 5.54 -20.79 -13.94
CA PRO A 166 5.12 -21.73 -15.01
C PRO A 166 5.34 -23.18 -14.66
N LEU A 167 6.41 -23.48 -13.92
CA LEU A 167 6.65 -24.87 -13.52
C LEU A 167 5.63 -25.34 -12.49
N ALA A 168 5.28 -24.48 -11.51
CA ALA A 168 4.30 -24.85 -10.51
C ALA A 168 2.93 -25.02 -11.13
N VAL A 169 2.53 -24.09 -11.99
CA VAL A 169 1.18 -24.07 -12.50
C VAL A 169 1.03 -25.06 -13.65
N GLY A 170 2.08 -25.33 -14.39
CA GLY A 170 2.02 -26.25 -15.52
C GLY A 170 1.31 -25.63 -16.72
N GLY A 171 1.09 -26.48 -17.73
CA GLY A 171 0.29 -26.06 -18.87
C GLY A 171 1.04 -25.03 -19.71
N ASP A 172 0.26 -24.21 -20.42
CA ASP A 172 0.83 -23.14 -21.25
C ASP A 172 1.52 -22.10 -20.38
N MET A 173 2.80 -21.86 -20.66
CA MET A 173 3.61 -20.93 -19.88
C MET A 173 3.14 -19.49 -19.94
N ASP A 174 2.18 -19.15 -20.80
CA ASP A 174 1.67 -17.79 -20.90
C ASP A 174 0.20 -17.69 -20.51
N SER A 175 -0.32 -18.69 -19.79
CA SER A 175 -1.74 -18.68 -19.46
C SER A 175 -2.06 -17.61 -18.42
N ILE A 176 -3.36 -17.37 -18.27
CA ILE A 176 -3.86 -16.45 -17.26
C ILE A 176 -3.47 -16.94 -15.86
N ALA A 177 -3.51 -18.25 -15.65
CA ALA A 177 -3.23 -18.79 -14.31
C ALA A 177 -1.75 -18.67 -13.95
N VAL A 178 -0.86 -18.86 -14.93
CA VAL A 178 0.56 -18.65 -14.69
C VAL A 178 0.82 -17.18 -14.33
N GLN A 179 0.18 -16.26 -15.04
CA GLN A 179 0.34 -14.85 -14.71
C GLN A 179 -0.21 -14.53 -13.33
N GLU A 180 -1.38 -15.07 -12.98
CA GLU A 180 -1.95 -14.83 -11.66
C GLU A 180 -1.03 -15.30 -10.55
N PHE A 181 -0.46 -16.49 -10.72
CA PHE A 181 0.34 -17.09 -9.67
C PHE A 181 1.72 -16.46 -9.60
N SER A 182 2.26 -16.09 -10.76
CA SER A 182 3.48 -15.29 -10.77
C SER A 182 3.29 -14.01 -9.98
N ARG A 183 2.12 -13.38 -10.08
CA ARG A 183 1.86 -12.13 -9.36
C ARG A 183 1.74 -12.36 -7.87
N THR A 184 0.89 -13.30 -7.45
CA THR A 184 0.72 -13.52 -6.01
C THR A 184 2.01 -14.01 -5.40
N LEU A 185 2.76 -14.83 -6.15
CA LEU A 185 4.04 -15.31 -5.63
C LEU A 185 5.02 -14.15 -5.41
N PHE A 186 5.11 -13.22 -6.36
CA PHE A 186 6.03 -12.10 -6.23
C PHE A 186 5.58 -11.13 -5.15
N ASN A 187 4.26 -11.03 -4.92
CA ASN A 187 3.72 -10.19 -3.86
C ASN A 187 4.07 -10.69 -2.46
N MET A 188 4.47 -11.96 -2.28
CA MET A 188 4.95 -12.36 -0.96
C MET A 188 6.22 -11.61 -0.62
N ARG A 189 6.39 -11.28 0.65
CA ARG A 189 7.66 -10.72 1.07
C ARG A 189 8.74 -11.78 0.88
N PRO A 190 9.86 -11.46 0.23
CA PRO A 190 10.84 -12.50 -0.09
C PRO A 190 11.46 -13.16 1.13
N ASP A 191 11.59 -12.45 2.24
CA ASP A 191 12.09 -13.11 3.44
C ASP A 191 11.06 -14.09 3.99
N ILE A 192 9.77 -13.78 3.87
CA ILE A 192 8.74 -14.69 4.30
C ILE A 192 8.64 -15.87 3.35
N ALA A 193 8.76 -15.61 2.04
CA ALA A 193 8.72 -16.68 1.03
C ALA A 193 9.83 -17.68 1.27
N LEU A 194 11.04 -17.21 1.61
CA LEU A 194 12.14 -18.13 1.88
C LEU A 194 11.87 -18.95 3.13
N SER A 195 11.47 -18.29 4.21
CA SER A 195 11.25 -18.96 5.49
C SER A 195 10.12 -19.98 5.37
N VAL A 196 8.99 -19.57 4.78
CA VAL A 196 7.86 -20.46 4.57
C VAL A 196 8.22 -21.57 3.59
N GLY A 197 8.86 -21.21 2.49
CA GLY A 197 9.33 -22.21 1.54
C GLY A 197 10.15 -23.29 2.21
N GLN A 198 11.07 -22.89 3.09
CA GLN A 198 11.91 -23.86 3.79
C GLN A 198 11.08 -24.68 4.76
N THR A 199 10.23 -24.02 5.55
CA THR A 199 9.36 -24.73 6.47
C THR A 199 8.51 -25.77 5.73
N ILE A 200 7.89 -25.39 4.61
CA ILE A 200 6.97 -26.32 3.96
C ILE A 200 7.74 -27.43 3.29
N PHE A 201 8.73 -27.08 2.46
CA PHE A 201 9.31 -28.07 1.56
C PHE A 201 10.14 -29.09 2.34
N GLN A 202 10.53 -28.76 3.57
CA GLN A 202 11.30 -29.66 4.42
C GLN A 202 10.44 -30.29 5.51
N SER A 203 9.13 -30.08 5.50
CA SER A 203 8.22 -30.65 6.50
C SER A 203 8.14 -32.18 6.36
N ASP A 204 7.56 -32.83 7.37
CA ASP A 204 7.39 -34.28 7.33
C ASP A 204 6.24 -34.65 8.25
N MET A 205 5.08 -34.95 7.66
CA MET A 205 3.87 -35.28 8.40
C MET A 205 3.60 -36.78 8.40
N ARG A 206 4.49 -37.59 7.82
CA ARG A 206 4.21 -39.01 7.66
C ARG A 206 3.82 -39.64 9.00
N GLN A 207 4.49 -39.23 10.08
CA GLN A 207 4.36 -39.91 11.37
C GLN A 207 2.98 -39.80 11.96
N ILE A 208 2.23 -38.72 11.67
CA ILE A 208 0.92 -38.54 12.29
C ILE A 208 -0.23 -39.04 11.42
N LEU A 209 0.03 -39.44 10.17
CA LEU A 209 -1.04 -39.93 9.31
C LEU A 209 -1.82 -41.10 9.89
N PRO A 210 -1.23 -42.11 10.53
CA PRO A 210 -2.04 -43.22 11.05
C PRO A 210 -3.06 -42.81 12.11
N PHE A 211 -2.97 -41.60 12.67
CA PHE A 211 -3.80 -41.17 13.78
C PHE A 211 -4.93 -40.23 13.37
N VAL A 212 -5.00 -39.87 12.08
CA VAL A 212 -6.12 -39.08 11.59
C VAL A 212 -7.39 -39.91 11.66
N THR A 213 -8.48 -39.30 12.11
CA THR A 213 -9.78 -39.98 12.08
C THR A 213 -10.79 -39.35 11.16
N VAL A 214 -10.60 -38.11 10.75
CA VAL A 214 -11.53 -37.44 9.84
C VAL A 214 -11.37 -38.06 8.44
N PRO A 215 -12.46 -38.44 7.76
CA PRO A 215 -12.31 -39.07 6.45
C PRO A 215 -11.74 -38.07 5.46
N CYS A 216 -10.88 -38.59 4.56
CA CYS A 216 -10.08 -37.76 3.68
C CYS A 216 -10.25 -38.16 2.23
N HIS A 217 -10.36 -37.15 1.36
CA HIS A 217 -10.44 -37.32 -0.09
C HIS A 217 -9.16 -36.74 -0.69
N ILE A 218 -8.37 -37.58 -1.36
CA ILE A 218 -7.02 -37.28 -1.80
C ILE A 218 -7.06 -37.07 -3.32
N LEU A 219 -7.01 -35.81 -3.73
CA LEU A 219 -7.09 -35.42 -5.13
C LEU A 219 -5.78 -34.75 -5.55
N GLN A 220 -5.32 -35.06 -6.75
CA GLN A 220 -4.16 -34.39 -7.31
C GLN A 220 -4.18 -34.53 -8.82
N SER A 221 -3.40 -33.67 -9.46
CA SER A 221 -3.12 -33.78 -10.87
C SER A 221 -2.22 -34.97 -11.12
N VAL A 222 -2.47 -35.72 -12.20
CA VAL A 222 -1.57 -36.80 -12.55
C VAL A 222 -0.17 -36.29 -12.78
N LYS A 223 -0.04 -35.06 -13.25
CA LYS A 223 1.25 -34.44 -13.54
C LYS A 223 1.39 -33.21 -12.64
N ASP A 224 2.26 -33.33 -11.63
CA ASP A 224 2.43 -32.28 -10.62
C ASP A 224 3.90 -32.32 -10.25
N LEU A 225 4.64 -31.25 -10.55
CA LEU A 225 6.07 -31.27 -10.28
C LEU A 225 6.38 -31.43 -8.79
N ALA A 226 5.46 -31.10 -7.90
CA ALA A 226 5.75 -31.24 -6.47
C ALA A 226 5.11 -32.46 -5.80
N VAL A 227 4.32 -33.23 -6.52
CA VAL A 227 3.55 -34.34 -5.95
C VAL A 227 3.56 -35.51 -6.93
N PRO A 228 4.53 -36.41 -6.85
CA PRO A 228 4.44 -37.65 -7.62
C PRO A 228 3.18 -38.40 -7.25
N VAL A 229 2.65 -39.12 -8.23
CA VAL A 229 1.42 -39.89 -8.02
C VAL A 229 1.56 -40.87 -6.85
N VAL A 230 2.76 -41.43 -6.68
CA VAL A 230 2.93 -42.36 -5.57
C VAL A 230 2.70 -41.70 -4.21
N VAL A 231 2.75 -40.37 -4.12
CA VAL A 231 2.41 -39.71 -2.84
C VAL A 231 0.94 -39.92 -2.51
N SER A 232 0.05 -39.82 -3.50
CA SER A 232 -1.36 -40.05 -3.22
C SER A 232 -1.61 -41.49 -2.75
N GLU A 233 -0.89 -42.44 -3.34
CA GLU A 233 -0.95 -43.82 -2.86
C GLU A 233 -0.41 -43.96 -1.44
N TYR A 234 0.67 -43.25 -1.12
CA TYR A 234 1.19 -43.30 0.25
C TYR A 234 0.18 -42.77 1.25
N LEU A 235 -0.40 -41.60 0.95
CA LEU A 235 -1.45 -41.02 1.79
C LEU A 235 -2.58 -42.02 2.03
N HIS A 236 -3.09 -42.61 0.94
CA HIS A 236 -4.18 -43.56 1.04
C HIS A 236 -3.79 -44.74 1.92
N ALA A 237 -2.54 -45.20 1.80
CA ALA A 237 -2.08 -46.39 2.50
C ALA A 237 -1.83 -46.13 3.98
N ASN A 238 -1.48 -44.90 4.35
CA ASN A 238 -0.97 -44.63 5.69
C ASN A 238 -1.89 -43.77 6.53
N LEU A 239 -2.78 -43.00 5.91
CA LEU A 239 -3.82 -42.34 6.68
C LEU A 239 -4.65 -43.37 7.45
N GLY A 240 -4.75 -43.19 8.76
CA GLY A 240 -5.52 -44.10 9.61
C GLY A 240 -7.01 -43.98 9.46
N CYS A 241 -7.49 -42.92 8.82
CA CYS A 241 -8.90 -42.72 8.58
C CYS A 241 -9.33 -43.51 7.34
N GLU A 242 -10.63 -43.54 7.08
CA GLU A 242 -11.07 -43.97 5.75
C GLU A 242 -10.68 -42.90 4.74
N SER A 243 -10.28 -43.32 3.55
CA SER A 243 -9.89 -42.35 2.55
C SER A 243 -10.22 -42.88 1.18
N VAL A 244 -10.12 -41.98 0.19
CA VAL A 244 -10.30 -42.33 -1.22
C VAL A 244 -9.35 -41.44 -2.00
N VAL A 245 -8.85 -41.96 -3.13
CA VAL A 245 -7.93 -41.23 -3.99
C VAL A 245 -8.62 -41.00 -5.32
N GLU A 246 -8.39 -39.83 -5.91
CA GLU A 246 -8.72 -39.63 -7.32
C GLU A 246 -7.61 -38.81 -7.96
N VAL A 247 -6.89 -39.44 -8.89
CA VAL A 247 -5.85 -38.78 -9.66
C VAL A 247 -6.48 -38.22 -10.92
N ILE A 248 -6.52 -36.90 -11.04
CA ILE A 248 -7.21 -36.19 -12.11
C ILE A 248 -6.38 -36.10 -13.38
N PRO A 249 -7.00 -36.26 -14.55
CA PRO A 249 -6.28 -35.98 -15.79
C PRO A 249 -6.08 -34.49 -15.98
N SER A 250 -5.07 -33.95 -15.29
CA SER A 250 -4.76 -32.54 -15.32
C SER A 250 -3.27 -32.39 -15.03
N ASP A 251 -2.77 -31.20 -15.34
CA ASP A 251 -1.39 -30.80 -15.14
C ASP A 251 -1.36 -29.65 -14.15
N GLY A 252 -0.44 -29.69 -13.18
CA GLY A 252 -0.19 -28.52 -12.37
C GLY A 252 -0.53 -28.66 -10.89
N HIS A 253 0.10 -27.82 -10.07
CA HIS A 253 -0.03 -27.87 -8.61
C HIS A 253 -1.21 -27.06 -8.10
N LEU A 254 -1.77 -26.20 -8.95
CA LEU A 254 -2.98 -25.43 -8.64
C LEU A 254 -4.04 -25.73 -9.70
N PRO A 255 -4.46 -26.99 -9.82
CA PRO A 255 -5.33 -27.37 -10.95
C PRO A 255 -6.71 -26.75 -10.86
N GLN A 256 -7.17 -26.45 -9.66
CA GLN A 256 -8.47 -25.78 -9.53
C GLN A 256 -8.42 -24.37 -10.06
N LEU A 257 -7.23 -23.77 -10.19
CA LEU A 257 -7.07 -22.47 -10.83
C LEU A 257 -6.84 -22.61 -12.34
N SER A 258 -5.93 -23.47 -12.75
CA SER A 258 -5.51 -23.50 -14.15
C SER A 258 -6.34 -24.40 -15.05
N SER A 259 -6.99 -25.43 -14.52
CA SER A 259 -7.75 -26.38 -15.32
C SER A 259 -9.12 -26.65 -14.72
N PRO A 260 -9.95 -25.61 -14.58
CA PRO A 260 -11.23 -25.81 -13.88
C PRO A 260 -12.17 -26.81 -14.54
N ASP A 261 -12.24 -26.88 -15.87
CA ASP A 261 -13.17 -27.82 -16.52
C ASP A 261 -12.91 -29.26 -16.12
N SER A 262 -11.66 -29.68 -16.03
CA SER A 262 -11.44 -31.06 -15.61
C SER A 262 -11.37 -31.22 -14.09
N VAL A 263 -11.10 -30.17 -13.34
CA VAL A 263 -10.79 -30.28 -11.89
C VAL A 263 -12.00 -29.94 -11.03
N ILE A 264 -12.68 -28.84 -11.31
CA ILE A 264 -13.79 -28.42 -10.43
C ILE A 264 -14.86 -29.50 -10.30
N PRO A 265 -15.31 -30.18 -11.37
CA PRO A 265 -16.30 -31.25 -11.17
C PRO A 265 -15.81 -32.37 -10.25
N VAL A 266 -14.52 -32.67 -10.28
CA VAL A 266 -14.00 -33.70 -9.39
C VAL A 266 -14.04 -33.23 -7.94
N ILE A 267 -13.61 -32.00 -7.69
CA ILE A 267 -13.67 -31.49 -6.32
C ILE A 267 -15.10 -31.48 -5.81
N LEU A 268 -16.05 -31.04 -6.65
CA LEU A 268 -17.44 -30.98 -6.22
C LEU A 268 -17.97 -32.35 -5.85
N ARG A 269 -17.66 -33.36 -6.67
CA ARG A 269 -18.12 -34.71 -6.39
C ARG A 269 -17.66 -35.18 -5.02
N HIS A 270 -16.44 -34.83 -4.64
CA HIS A 270 -15.91 -35.33 -3.37
C HIS A 270 -16.37 -34.48 -2.19
N ILE A 271 -16.71 -33.21 -2.42
CA ILE A 271 -17.40 -32.40 -1.43
C ILE A 271 -18.81 -32.94 -1.19
N ARG A 272 -19.55 -33.19 -2.27
CA ARG A 272 -20.96 -33.51 -2.15
C ARG A 272 -21.24 -34.97 -1.75
N ASN A 273 -20.26 -35.87 -1.77
CA ASN A 273 -20.48 -37.29 -1.55
C ASN A 273 -19.47 -37.85 -0.56
N ASP A 274 -19.96 -38.52 0.47
CA ASP A 274 -19.09 -39.02 1.52
C ASP A 274 -18.60 -40.44 1.20
N ILE A 275 -17.49 -40.81 1.82
CA ILE A 275 -17.02 -42.18 1.75
C ILE A 275 -18.05 -43.16 2.34
N GLY B 9 3.70 11.54 -16.71
CA GLY B 9 4.68 10.65 -17.32
C GLY B 9 4.89 9.35 -16.56
N VAL B 10 5.35 8.32 -17.28
CA VAL B 10 5.56 7.01 -16.65
C VAL B 10 6.66 7.08 -15.60
N VAL B 11 7.80 7.69 -15.94
CA VAL B 11 8.92 7.75 -15.01
C VAL B 11 8.51 8.48 -13.74
N GLU B 12 7.76 9.57 -13.90
CA GLU B 12 7.34 10.36 -12.75
C GLU B 12 6.36 9.58 -11.89
N GLU B 13 5.45 8.84 -12.52
CA GLU B 13 4.53 7.98 -11.78
C GLU B 13 5.27 6.91 -10.99
N ALA B 14 6.30 6.32 -11.59
CA ALA B 14 7.04 5.28 -10.90
C ALA B 14 7.84 5.82 -9.72
N HIS B 15 8.10 7.12 -9.69
CA HIS B 15 8.84 7.74 -8.58
C HIS B 15 7.96 8.63 -7.71
N ASN B 16 6.63 8.54 -7.87
CA ASN B 16 5.69 9.29 -7.06
C ASN B 16 6.02 10.79 -7.03
N VAL B 17 6.39 11.30 -8.21
CA VAL B 17 6.77 12.70 -8.33
C VAL B 17 5.56 13.57 -8.03
N LYS B 18 5.77 14.57 -7.20
CA LYS B 18 4.77 15.59 -6.94
C LYS B 18 5.46 16.93 -7.15
N VAL B 19 4.74 17.87 -7.74
CA VAL B 19 5.24 19.22 -7.92
C VAL B 19 4.24 20.13 -7.26
N ILE B 20 4.71 20.96 -6.32
CA ILE B 20 3.85 21.88 -5.59
C ILE B 20 4.59 23.20 -5.38
N GLY B 21 3.82 24.24 -5.10
CA GLY B 21 4.38 25.55 -4.85
C GLY B 21 4.52 26.39 -6.12
N SER B 22 4.73 27.67 -5.90
CA SER B 22 4.86 28.65 -6.98
C SER B 22 6.22 29.33 -6.90
N GLY B 23 6.72 29.75 -8.04
CA GLY B 23 7.96 30.50 -8.09
C GLY B 23 8.74 30.20 -9.35
N GLU B 24 9.63 31.13 -9.70
CA GLU B 24 10.56 30.92 -10.80
C GLU B 24 11.53 29.80 -10.47
N ALA B 25 12.28 29.96 -9.38
CA ALA B 25 13.28 28.98 -8.98
C ALA B 25 12.63 27.66 -8.59
N THR B 26 13.33 26.58 -8.89
CA THR B 26 12.87 25.25 -8.60
C THR B 26 13.80 24.61 -7.58
N ILE B 27 13.23 23.87 -6.63
CA ILE B 27 13.98 23.12 -5.65
C ILE B 27 13.53 21.66 -5.71
N VAL B 28 14.48 20.74 -5.68
CA VAL B 28 14.22 19.32 -5.82
C VAL B 28 14.77 18.62 -4.59
N LEU B 29 13.94 17.82 -3.94
CA LEU B 29 14.28 17.19 -2.66
C LEU B 29 14.40 15.68 -2.83
N GLY B 30 15.57 15.13 -2.56
CA GLY B 30 15.81 13.70 -2.66
C GLY B 30 16.11 13.12 -1.29
N HIS B 31 15.44 12.01 -0.97
CA HIS B 31 15.43 11.47 0.38
C HIS B 31 16.48 10.37 0.52
N GLY B 32 16.67 9.87 1.74
CA GLY B 32 17.68 8.88 2.03
C GLY B 32 17.16 7.45 2.17
N PHE B 33 18.08 6.54 2.49
CA PHE B 33 17.75 5.14 2.69
C PHE B 33 16.72 4.95 3.79
N GLY B 34 15.74 4.09 3.55
CA GLY B 34 14.77 3.70 4.56
C GLY B 34 13.58 4.61 4.69
N THR B 35 13.54 5.72 3.98
CA THR B 35 12.45 6.71 4.09
C THR B 35 11.94 7.05 2.70
N ASP B 36 11.13 8.10 2.58
CA ASP B 36 10.66 8.53 1.26
C ASP B 36 10.46 10.05 1.33
N GLN B 37 9.76 10.60 0.34
CA GLN B 37 9.63 12.05 0.29
C GLN B 37 8.92 12.62 1.51
N SER B 38 8.19 11.79 2.28
CA SER B 38 7.57 12.30 3.49
C SER B 38 8.58 12.78 4.52
N VAL B 39 9.86 12.48 4.34
CA VAL B 39 10.88 12.97 5.24
C VAL B 39 10.98 14.48 5.19
N TRP B 40 10.45 15.09 4.13
CA TRP B 40 10.52 16.52 3.92
C TRP B 40 9.30 17.27 4.44
N LYS B 41 8.41 16.59 5.18
CA LYS B 41 7.14 17.20 5.56
C LYS B 41 7.32 18.51 6.35
N HIS B 42 8.38 18.66 7.12
CA HIS B 42 8.50 19.90 7.89
C HIS B 42 9.24 20.99 7.14
N LEU B 43 9.90 20.65 6.04
CA LEU B 43 10.62 21.63 5.25
C LEU B 43 9.73 22.28 4.20
N VAL B 44 8.93 21.45 3.52
CA VAL B 44 8.18 21.92 2.35
C VAL B 44 7.30 23.13 2.64
N PRO B 45 6.57 23.21 3.77
CA PRO B 45 5.70 24.38 3.98
C PRO B 45 6.45 25.71 3.94
N HIS B 46 7.74 25.71 4.29
CA HIS B 46 8.56 26.91 4.24
C HIS B 46 9.06 27.23 2.83
N LEU B 47 8.86 26.33 1.86
CA LEU B 47 9.42 26.48 0.52
C LEU B 47 8.39 26.81 -0.54
N VAL B 48 7.11 26.48 -0.32
CA VAL B 48 6.14 26.57 -1.40
C VAL B 48 5.84 28.01 -1.79
N ASP B 49 6.02 28.96 -0.87
CA ASP B 49 5.75 30.34 -1.20
C ASP B 49 6.78 30.91 -2.17
N ASP B 50 8.03 30.46 -2.09
CA ASP B 50 9.12 31.04 -2.86
C ASP B 50 9.62 30.17 -4.00
N TYR B 51 9.26 28.90 -4.04
CA TYR B 51 9.84 27.97 -5.00
C TYR B 51 8.78 27.03 -5.54
N ARG B 52 9.09 26.46 -6.69
CA ARG B 52 8.43 25.26 -7.17
C ARG B 52 9.17 24.09 -6.57
N VAL B 53 8.47 23.25 -5.82
CA VAL B 53 9.09 22.17 -5.06
C VAL B 53 8.81 20.86 -5.77
N VAL B 54 9.85 20.07 -5.99
CA VAL B 54 9.72 18.77 -6.62
C VAL B 54 10.10 17.71 -5.60
N LEU B 55 9.15 16.85 -5.27
CA LEU B 55 9.36 15.71 -4.42
C LEU B 55 9.31 14.44 -5.26
N TYR B 56 10.15 13.46 -4.93
CA TYR B 56 10.18 12.20 -5.65
C TYR B 56 10.74 11.13 -4.73
N ASP B 57 10.41 9.89 -5.03
CA ASP B 57 10.88 8.73 -4.28
C ASP B 57 11.97 8.02 -5.06
N ASN B 58 12.98 7.54 -4.35
CA ASN B 58 13.99 6.70 -5.00
C ASN B 58 13.41 5.31 -5.25
N MET B 59 13.68 4.78 -6.44
CA MET B 59 13.31 3.40 -6.72
C MET B 59 13.83 2.51 -5.61
N GLY B 60 13.00 1.57 -5.17
CA GLY B 60 13.31 0.72 -4.05
C GLY B 60 12.73 1.16 -2.72
N ALA B 61 12.33 2.42 -2.60
CA ALA B 61 11.58 2.78 -1.42
C ALA B 61 10.29 1.94 -1.35
N GLY B 62 9.76 1.79 -0.14
CA GLY B 62 8.58 0.97 0.04
C GLY B 62 7.33 1.53 -0.58
N THR B 63 7.33 2.83 -0.89
CA THR B 63 6.28 3.46 -1.65
C THR B 63 6.36 3.18 -3.14
N THR B 64 7.35 2.44 -3.62
CA THR B 64 7.51 2.22 -5.04
C THR B 64 7.27 0.75 -5.41
N ASN B 65 7.02 0.53 -6.69
CA ASN B 65 6.62 -0.79 -7.15
C ASN B 65 7.84 -1.70 -7.27
N PRO B 66 7.89 -2.81 -6.52
CA PRO B 66 9.06 -3.71 -6.58
C PRO B 66 9.27 -4.35 -7.94
N ASP B 67 8.23 -4.36 -8.79
CA ASP B 67 8.40 -4.81 -10.17
C ASP B 67 9.47 -3.98 -10.89
N TYR B 68 9.62 -2.71 -10.52
CA TYR B 68 10.52 -1.81 -11.23
C TYR B 68 11.95 -1.78 -10.67
N PHE B 69 12.26 -2.52 -9.61
CA PHE B 69 13.61 -2.45 -9.05
C PHE B 69 14.52 -3.37 -9.85
N ASP B 70 15.46 -2.77 -10.55
CA ASP B 70 16.38 -3.45 -11.46
C ASP B 70 17.70 -3.57 -10.71
N PHE B 71 17.97 -4.74 -10.14
CA PHE B 71 19.17 -4.92 -9.34
C PHE B 71 20.44 -4.55 -10.11
N ASP B 72 20.46 -4.78 -11.43
CA ASP B 72 21.62 -4.34 -12.21
C ASP B 72 21.71 -2.82 -12.25
N ARG B 73 20.59 -2.15 -12.51
CA ARG B 73 20.60 -0.69 -12.63
C ARG B 73 21.01 0.00 -11.31
N TYR B 74 20.61 -0.56 -10.17
CA TYR B 74 20.88 0.11 -8.91
C TYR B 74 22.04 -0.51 -8.13
N SER B 75 22.85 -1.36 -8.76
CA SER B 75 24.05 -1.84 -8.09
C SER B 75 25.10 -0.75 -7.93
N ASN B 76 24.91 0.37 -8.63
CA ASN B 76 25.76 1.55 -8.63
C ASN B 76 24.89 2.73 -8.23
N LEU B 77 25.48 3.71 -7.56
CA LEU B 77 24.71 4.90 -7.24
C LEU B 77 24.33 5.70 -8.48
N GLU B 78 25.08 5.56 -9.59
CA GLU B 78 24.70 6.34 -10.75
C GLU B 78 23.39 5.87 -11.36
N GLY B 79 22.96 4.66 -11.07
CA GLY B 79 21.59 4.30 -11.41
C GLY B 79 20.59 5.31 -10.87
N TYR B 80 20.75 5.70 -9.60
CA TYR B 80 19.84 6.69 -9.02
C TYR B 80 20.06 8.08 -9.60
N SER B 81 21.30 8.44 -9.94
CA SER B 81 21.53 9.73 -10.57
C SER B 81 20.84 9.80 -11.92
N PHE B 82 20.90 8.71 -12.70
CA PHE B 82 20.22 8.69 -14.00
C PHE B 82 18.72 8.87 -13.83
N ASP B 83 18.13 8.29 -12.77
CA ASP B 83 16.70 8.49 -12.52
C ASP B 83 16.41 9.95 -12.22
N LEU B 84 17.26 10.59 -11.42
CA LEU B 84 17.04 12.00 -11.10
C LEU B 84 17.11 12.86 -12.36
N ILE B 85 18.13 12.66 -13.18
CA ILE B 85 18.24 13.44 -14.39
C ILE B 85 17.03 13.20 -15.30
N ALA B 86 16.53 11.96 -15.35
CA ALA B 86 15.36 11.67 -16.17
C ALA B 86 14.13 12.42 -15.68
N ILE B 87 13.93 12.44 -14.36
CA ILE B 87 12.81 13.18 -13.79
C ILE B 87 12.92 14.66 -14.11
N LEU B 88 14.11 15.22 -14.01
CA LEU B 88 14.28 16.64 -14.28
C LEU B 88 14.02 16.95 -15.75
N GLU B 89 14.54 16.11 -16.65
CA GLU B 89 14.33 16.31 -18.07
C GLU B 89 12.86 16.18 -18.44
N ASP B 90 12.16 15.23 -17.83
CA ASP B 90 10.74 15.03 -18.12
C ASP B 90 9.91 16.20 -17.61
N LEU B 91 10.29 16.79 -16.48
CA LEU B 91 9.63 17.99 -15.98
C LEU B 91 10.09 19.24 -16.72
N LYS B 92 11.01 19.13 -17.67
CA LYS B 92 11.57 20.28 -18.38
C LYS B 92 12.17 21.30 -17.41
N ILE B 93 12.90 20.80 -16.42
CA ILE B 93 13.61 21.65 -15.47
C ILE B 93 15.02 21.85 -16.00
N GLU B 94 15.42 23.11 -16.20
CA GLU B 94 16.74 23.42 -16.72
C GLU B 94 17.73 23.84 -15.64
N SER B 95 17.24 24.16 -14.44
CA SER B 95 18.10 24.51 -13.31
C SER B 95 17.30 24.31 -12.04
N CYS B 96 17.97 23.84 -10.98
CA CYS B 96 17.29 23.66 -9.71
C CYS B 96 18.29 23.74 -8.56
N ILE B 97 17.76 24.03 -7.38
CA ILE B 97 18.48 23.76 -6.14
C ILE B 97 18.14 22.33 -5.77
N PHE B 98 19.17 21.50 -5.59
CA PHE B 98 18.96 20.13 -5.13
C PHE B 98 19.28 20.03 -3.65
N VAL B 99 18.37 19.45 -2.88
CA VAL B 99 18.60 19.15 -1.47
C VAL B 99 18.67 17.63 -1.34
N GLY B 100 19.84 17.13 -1.00
CA GLY B 100 20.06 15.70 -0.97
C GLY B 100 20.22 15.22 0.47
N HIS B 101 19.32 14.35 0.92
CA HIS B 101 19.43 13.75 2.24
C HIS B 101 20.18 12.43 2.14
N SER B 102 21.19 12.27 3.01
CA SER B 102 21.95 11.04 3.11
C SER B 102 22.44 10.60 1.72
N VAL B 103 22.09 9.39 1.26
CA VAL B 103 22.63 8.94 -0.03
C VAL B 103 22.25 9.89 -1.16
N SER B 104 21.13 10.59 -1.05
CA SER B 104 20.76 11.50 -2.13
C SER B 104 21.75 12.63 -2.31
N ALA B 105 22.52 12.98 -1.28
CA ALA B 105 23.56 13.98 -1.48
C ALA B 105 24.57 13.49 -2.53
N MET B 106 25.04 12.25 -2.39
CA MET B 106 25.99 11.72 -3.36
C MET B 106 25.33 11.45 -4.71
N ILE B 107 24.06 11.04 -4.69
CA ILE B 107 23.32 10.91 -5.96
C ILE B 107 23.22 12.27 -6.64
N GLY B 108 22.93 13.30 -5.87
CA GLY B 108 22.96 14.64 -6.44
C GLY B 108 24.32 14.97 -7.03
N VAL B 109 25.39 14.59 -6.34
CA VAL B 109 26.74 14.91 -6.80
C VAL B 109 27.02 14.22 -8.13
N LEU B 110 26.79 12.91 -8.20
CA LEU B 110 26.98 12.18 -9.45
C LEU B 110 26.17 12.80 -10.58
N ALA B 111 24.90 13.10 -10.31
CA ALA B 111 24.07 13.74 -11.32
C ALA B 111 24.68 15.07 -11.79
N SER B 112 25.25 15.84 -10.86
CA SER B 112 25.87 17.10 -11.24
C SER B 112 27.15 16.91 -12.06
N LEU B 113 27.84 15.78 -11.92
CA LEU B 113 28.99 15.53 -12.77
C LEU B 113 28.57 15.17 -14.20
N ASN B 114 27.39 14.58 -14.35
CA ASN B 114 26.86 14.22 -15.66
C ASN B 114 26.15 15.40 -16.32
N ARG B 115 25.51 16.23 -15.53
CA ARG B 115 24.71 17.36 -16.02
C ARG B 115 24.93 18.54 -15.08
N PRO B 116 26.10 19.17 -15.14
CA PRO B 116 26.34 20.34 -14.24
C PRO B 116 25.42 21.50 -14.56
N ASP B 117 24.94 21.58 -15.80
CA ASP B 117 23.98 22.60 -16.17
C ASP B 117 22.71 22.53 -15.34
N LEU B 118 22.37 21.38 -14.77
CA LEU B 118 21.07 21.21 -14.17
C LEU B 118 20.97 21.76 -12.74
N PHE B 119 22.08 21.96 -12.04
CA PHE B 119 22.06 22.27 -10.61
C PHE B 119 22.80 23.56 -10.33
N SER B 120 22.11 24.51 -9.70
CA SER B 120 22.70 25.77 -9.26
C SER B 120 23.38 25.65 -7.90
N LYS B 121 23.07 24.60 -7.15
CA LYS B 121 23.44 24.48 -5.74
C LYS B 121 22.99 23.11 -5.28
N ILE B 122 23.83 22.46 -4.47
CA ILE B 122 23.45 21.23 -3.77
C ILE B 122 23.52 21.49 -2.26
N VAL B 123 22.46 21.14 -1.56
CA VAL B 123 22.43 21.24 -0.10
C VAL B 123 22.39 19.82 0.42
N MET B 124 23.44 19.42 1.13
CA MET B 124 23.56 18.07 1.64
C MET B 124 23.09 18.02 3.10
N ILE B 125 22.26 17.03 3.42
CA ILE B 125 21.88 16.73 4.80
C ILE B 125 22.38 15.33 5.08
N SER B 126 23.27 15.17 6.06
CA SER B 126 23.74 13.84 6.50
C SER B 126 24.51 13.10 5.39
N ALA B 127 25.34 13.82 4.65
CA ALA B 127 26.08 13.22 3.55
C ALA B 127 27.38 12.55 4.01
N SER B 128 27.79 11.54 3.26
CA SER B 128 29.05 10.84 3.46
C SER B 128 29.49 10.20 2.14
N PRO B 129 30.74 10.42 1.71
CA PRO B 129 31.26 9.75 0.51
C PRO B 129 31.75 8.33 0.77
N ARG B 130 31.91 7.92 2.03
CA ARG B 130 32.35 6.57 2.36
C ARG B 130 32.12 6.26 3.83
N TYR B 131 31.46 5.13 4.14
CA TYR B 131 31.17 4.78 5.52
C TYR B 131 32.21 3.88 6.15
N VAL B 132 32.94 3.11 5.35
CA VAL B 132 33.94 2.19 5.90
C VAL B 132 35.24 2.95 6.18
N ASN B 133 35.84 2.69 7.34
CA ASN B 133 37.13 3.29 7.66
C ASN B 133 38.19 2.75 6.71
N ASP B 134 39.00 3.66 6.16
CA ASP B 134 40.14 3.35 5.30
C ASP B 134 41.42 3.77 6.03
N VAL B 135 42.52 3.82 5.28
CA VAL B 135 43.85 3.93 5.89
C VAL B 135 43.94 5.19 6.74
N ASP B 136 43.82 6.35 6.11
CA ASP B 136 43.77 7.62 6.82
C ASP B 136 42.39 8.26 6.70
N TYR B 137 41.35 7.45 6.80
CA TYR B 137 40.00 7.94 6.56
C TYR B 137 39.05 7.33 7.57
N GLN B 138 38.32 8.18 8.29
CA GLN B 138 37.38 7.77 9.32
C GLN B 138 35.97 7.93 8.78
N GLY B 139 35.34 6.81 8.43
CA GLY B 139 33.98 6.84 7.90
C GLY B 139 32.97 6.55 8.98
N GLY B 140 33.40 5.83 10.01
CA GLY B 140 32.54 5.50 11.14
C GLY B 140 32.24 4.03 11.29
N PHE B 141 32.65 3.18 10.35
CA PHE B 141 32.33 1.77 10.38
C PHE B 141 33.53 0.93 9.98
N GLU B 142 33.67 -0.21 10.63
CA GLU B 142 34.53 -1.28 10.14
C GLU B 142 33.70 -2.22 9.28
N GLN B 143 34.34 -2.84 8.29
CA GLN B 143 33.62 -3.76 7.43
C GLN B 143 32.89 -4.84 8.23
N GLU B 144 33.48 -5.26 9.35
CA GLU B 144 32.82 -6.25 10.19
C GLU B 144 31.50 -5.73 10.75
N ASP B 145 31.46 -4.44 11.09
CA ASP B 145 30.22 -3.81 11.54
C ASP B 145 29.14 -3.89 10.45
N LEU B 146 29.51 -3.59 9.19
CA LEU B 146 28.54 -3.69 8.11
C LEU B 146 28.12 -5.15 7.89
N ASN B 147 29.06 -6.10 8.00
CA ASN B 147 28.70 -7.50 7.84
C ASN B 147 27.68 -7.95 8.89
N GLN B 148 27.81 -7.47 10.12
CA GLN B 148 26.83 -7.81 11.14
C GLN B 148 25.47 -7.19 10.81
N LEU B 149 25.47 -6.02 10.18
CA LEU B 149 24.24 -5.35 9.81
C LEU B 149 23.52 -6.11 8.70
N PHE B 150 24.25 -6.54 7.67
CA PHE B 150 23.62 -7.31 6.61
C PHE B 150 23.14 -8.66 7.11
N GLU B 151 23.84 -9.25 8.07
CA GLU B 151 23.39 -10.51 8.62
C GLU B 151 22.12 -10.34 9.44
N ALA B 152 22.00 -9.24 10.17
CA ALA B 152 20.78 -8.99 10.92
C ALA B 152 19.60 -8.75 9.98
N ILE B 153 19.84 -8.09 8.85
CA ILE B 153 18.79 -7.88 7.85
C ILE B 153 18.25 -9.22 7.36
N ARG B 154 19.16 -10.12 6.93
CA ARG B 154 18.74 -11.41 6.38
C ARG B 154 18.07 -12.29 7.42
N SER B 155 18.52 -12.22 8.67
CA SER B 155 18.10 -13.16 9.70
C SER B 155 16.68 -12.87 10.17
N ASN B 156 16.37 -11.61 10.46
CA ASN B 156 15.03 -11.24 10.92
C ASN B 156 14.86 -9.76 10.59
N TYR B 157 14.16 -9.47 9.48
CA TYR B 157 14.10 -8.11 8.98
C TYR B 157 13.26 -7.22 9.90
N LYS B 158 12.11 -7.72 10.37
CA LYS B 158 11.31 -6.94 11.32
C LYS B 158 12.11 -6.63 12.59
N ALA B 159 12.84 -7.60 13.12
CA ALA B 159 13.63 -7.36 14.32
C ALA B 159 14.78 -6.39 14.06
N TRP B 160 15.40 -6.45 12.89
CA TRP B 160 16.42 -5.48 12.55
C TRP B 160 15.84 -4.07 12.50
N CYS B 161 14.73 -3.90 11.78
CA CYS B 161 14.10 -2.58 11.66
C CYS B 161 13.81 -1.97 13.02
N LEU B 162 13.29 -2.78 13.94
CA LEU B 162 12.87 -2.27 15.25
C LEU B 162 14.05 -1.76 16.05
N GLY B 163 15.21 -2.40 15.93
CA GLY B 163 16.38 -1.98 16.67
C GLY B 163 17.20 -0.94 15.94
N PHE B 164 17.15 -0.96 14.60
CA PHE B 164 17.95 -0.04 13.79
C PHE B 164 17.35 1.36 13.77
N ALA B 165 16.04 1.46 13.59
CA ALA B 165 15.42 2.77 13.41
C ALA B 165 15.64 3.70 14.59
N PRO B 166 15.52 3.28 15.87
CA PRO B 166 15.85 4.19 16.98
C PRO B 166 17.28 4.71 16.90
N LEU B 167 18.23 3.85 16.56
CA LEU B 167 19.63 4.26 16.48
C LEU B 167 19.85 5.24 15.33
N ALA B 168 19.18 5.03 14.19
CA ALA B 168 19.35 5.92 13.04
C ALA B 168 18.73 7.28 13.28
N VAL B 169 17.54 7.29 13.89
CA VAL B 169 16.83 8.54 14.09
C VAL B 169 17.36 9.27 15.31
N GLY B 170 17.89 8.52 16.30
CA GLY B 170 18.36 9.10 17.55
C GLY B 170 17.23 9.70 18.38
N GLY B 171 17.63 10.34 19.48
CA GLY B 171 16.66 11.01 20.33
C GLY B 171 15.83 9.99 21.12
N ASP B 172 14.69 10.47 21.62
CA ASP B 172 13.77 9.61 22.37
C ASP B 172 13.34 8.42 21.52
N MET B 173 13.53 7.21 22.06
CA MET B 173 13.31 5.98 21.32
C MET B 173 11.85 5.73 20.97
N ASP B 174 10.89 6.45 21.58
CA ASP B 174 9.49 6.26 21.25
C ASP B 174 8.90 7.46 20.52
N SER B 175 9.74 8.29 19.92
CA SER B 175 9.26 9.50 19.30
C SER B 175 8.42 9.20 18.05
N ILE B 176 7.69 10.23 17.61
CA ILE B 176 6.92 10.13 16.38
C ILE B 176 7.85 9.84 15.20
N ALA B 177 9.03 10.46 15.18
CA ALA B 177 9.95 10.26 14.06
C ALA B 177 10.50 8.84 14.04
N VAL B 178 10.80 8.28 15.22
CA VAL B 178 11.26 6.90 15.27
C VAL B 178 10.18 5.95 14.79
N GLN B 179 8.92 6.25 15.11
CA GLN B 179 7.84 5.40 14.65
C GLN B 179 7.65 5.50 13.13
N GLU B 180 7.72 6.71 12.57
CA GLU B 180 7.58 6.87 11.12
C GLU B 180 8.68 6.12 10.38
N PHE B 181 9.91 6.24 10.85
CA PHE B 181 11.04 5.66 10.12
C PHE B 181 11.06 4.15 10.28
N SER B 182 10.71 3.65 11.47
CA SER B 182 10.50 2.21 11.66
C SER B 182 9.52 1.65 10.64
N ARG B 183 8.44 2.38 10.38
CA ARG B 183 7.43 1.91 9.44
C ARG B 183 7.91 1.98 7.99
N THR B 184 8.46 3.13 7.56
CA THR B 184 8.92 3.22 6.17
C THR B 184 10.05 2.24 5.92
N LEU B 185 10.94 2.07 6.91
CA LEU B 185 12.01 1.09 6.76
C LEU B 185 11.44 -0.33 6.59
N PHE B 186 10.45 -0.68 7.41
CA PHE B 186 9.92 -2.03 7.37
C PHE B 186 9.10 -2.27 6.10
N ASN B 187 8.56 -1.21 5.51
CA ASN B 187 7.83 -1.31 4.26
C ASN B 187 8.75 -1.57 3.06
N MET B 188 10.05 -1.33 3.21
CA MET B 188 10.95 -1.75 2.13
C MET B 188 10.90 -3.26 1.99
N ARG B 189 10.92 -3.73 0.75
CA ARG B 189 11.06 -5.15 0.50
C ARG B 189 12.38 -5.63 1.09
N PRO B 190 12.38 -6.69 1.91
CA PRO B 190 13.63 -7.07 2.59
C PRO B 190 14.78 -7.39 1.67
N ASP B 191 14.53 -7.96 0.49
CA ASP B 191 15.61 -8.22 -0.46
C ASP B 191 16.17 -6.92 -1.04
N ILE B 192 15.30 -5.95 -1.32
CA ILE B 192 15.75 -4.64 -1.78
C ILE B 192 16.50 -3.91 -0.67
N ALA B 193 15.98 -3.93 0.56
CA ALA B 193 16.68 -3.30 1.69
C ALA B 193 18.07 -3.88 1.87
N LEU B 194 18.21 -5.20 1.76
CA LEU B 194 19.54 -5.80 1.85
C LEU B 194 20.43 -5.30 0.72
N SER B 195 19.95 -5.41 -0.52
CA SER B 195 20.75 -5.05 -1.68
C SER B 195 21.14 -3.58 -1.66
N VAL B 196 20.18 -2.69 -1.37
CA VAL B 196 20.47 -1.26 -1.34
C VAL B 196 21.35 -0.90 -0.14
N GLY B 197 21.13 -1.55 1.00
CA GLY B 197 22.00 -1.32 2.14
C GLY B 197 23.44 -1.68 1.82
N GLN B 198 23.65 -2.76 1.07
CA GLN B 198 25.01 -3.15 0.71
C GLN B 198 25.61 -2.17 -0.27
N THR B 199 24.82 -1.72 -1.26
CA THR B 199 25.33 -0.79 -2.25
C THR B 199 25.72 0.54 -1.62
N ILE B 200 24.83 1.10 -0.80
CA ILE B 200 25.11 2.38 -0.16
C ILE B 200 26.28 2.25 0.80
N PHE B 201 26.16 1.33 1.76
CA PHE B 201 27.09 1.32 2.89
C PHE B 201 28.52 0.99 2.42
N GLN B 202 28.66 0.35 1.27
CA GLN B 202 29.98 0.03 0.74
C GLN B 202 30.40 0.95 -0.40
N SER B 203 29.66 2.05 -0.64
CA SER B 203 30.00 2.97 -1.72
C SER B 203 31.29 3.72 -1.38
N ASP B 204 31.82 4.42 -2.39
CA ASP B 204 33.03 5.23 -2.18
C ASP B 204 33.04 6.30 -3.28
N MET B 205 32.59 7.49 -2.93
CA MET B 205 32.54 8.63 -3.84
C MET B 205 33.72 9.55 -3.65
N ARG B 206 34.71 9.17 -2.84
CA ARG B 206 35.79 10.10 -2.52
C ARG B 206 36.53 10.54 -3.78
N GLN B 207 36.76 9.61 -4.71
CA GLN B 207 37.60 9.88 -5.87
C GLN B 207 37.05 10.99 -6.77
N ILE B 208 35.72 11.20 -6.82
CA ILE B 208 35.22 12.20 -7.74
C ILE B 208 34.95 13.53 -7.08
N LEU B 209 35.10 13.64 -5.75
CA LEU B 209 34.85 14.91 -5.07
C LEU B 209 35.65 16.08 -5.64
N PRO B 210 36.94 15.94 -5.98
CA PRO B 210 37.67 17.07 -6.56
C PRO B 210 37.07 17.66 -7.84
N PHE B 211 36.20 16.94 -8.54
CA PHE B 211 35.73 17.35 -9.86
C PHE B 211 34.33 17.96 -9.85
N VAL B 212 33.71 18.08 -8.66
CA VAL B 212 32.46 18.80 -8.51
C VAL B 212 32.68 20.29 -8.68
N THR B 213 31.74 20.97 -9.35
CA THR B 213 31.84 22.42 -9.54
C THR B 213 30.63 23.17 -9.04
N VAL B 214 29.49 22.50 -8.87
CA VAL B 214 28.30 23.10 -8.26
C VAL B 214 28.60 23.45 -6.81
N PRO B 215 28.28 24.66 -6.35
CA PRO B 215 28.46 24.98 -4.93
C PRO B 215 27.66 24.02 -4.06
N CYS B 216 28.27 23.61 -2.93
CA CYS B 216 27.67 22.65 -2.01
C CYS B 216 27.62 23.21 -0.60
N HIS B 217 26.52 22.95 0.10
CA HIS B 217 26.37 23.29 1.51
C HIS B 217 26.28 21.97 2.25
N ILE B 218 27.17 21.76 3.21
CA ILE B 218 27.34 20.48 3.88
C ILE B 218 26.76 20.61 5.30
N LEU B 219 25.58 20.04 5.53
CA LEU B 219 24.92 20.10 6.82
C LEU B 219 24.79 18.71 7.43
N GLN B 220 24.97 18.64 8.75
CA GLN B 220 24.74 17.38 9.44
C GLN B 220 24.49 17.64 10.91
N SER B 221 23.84 16.67 11.54
CA SER B 221 23.77 16.60 13.00
C SER B 221 25.16 16.44 13.58
N VAL B 222 25.40 17.09 14.72
CA VAL B 222 26.67 16.89 15.40
C VAL B 222 26.81 15.45 15.84
N LYS B 223 25.71 14.81 16.22
CA LYS B 223 25.69 13.41 16.63
C LYS B 223 24.89 12.62 15.62
N ASP B 224 25.57 11.80 14.83
CA ASP B 224 24.92 11.04 13.75
C ASP B 224 25.64 9.70 13.67
N LEU B 225 24.93 8.62 14.00
CA LEU B 225 25.54 7.29 14.02
C LEU B 225 26.26 6.96 12.73
N ALA B 226 25.81 7.50 11.61
CA ALA B 226 26.36 7.10 10.32
C ALA B 226 27.31 8.11 9.71
N VAL B 227 27.51 9.27 10.36
CA VAL B 227 28.29 10.37 9.79
C VAL B 227 29.07 11.07 10.91
N PRO B 228 30.27 10.60 11.22
CA PRO B 228 31.15 11.34 12.14
C PRO B 228 31.40 12.75 11.64
N VAL B 229 31.57 13.69 12.60
CA VAL B 229 31.76 15.09 12.23
C VAL B 229 32.92 15.24 11.26
N VAL B 230 33.97 14.41 11.39
CA VAL B 230 35.13 14.55 10.53
C VAL B 230 34.76 14.29 9.06
N VAL B 231 33.68 13.56 8.79
CA VAL B 231 33.24 13.39 7.40
C VAL B 231 32.83 14.73 6.80
N SER B 232 32.14 15.58 7.56
CA SER B 232 31.81 16.89 7.01
C SER B 232 33.08 17.68 6.67
N GLU B 233 34.09 17.58 7.53
CA GLU B 233 35.35 18.27 7.26
C GLU B 233 36.05 17.68 6.03
N TYR B 234 35.99 16.36 5.87
CA TYR B 234 36.56 15.71 4.69
C TYR B 234 35.89 16.21 3.43
N LEU B 235 34.56 16.30 3.43
CA LEU B 235 33.83 16.77 2.27
C LEU B 235 34.24 18.19 1.93
N HIS B 236 34.25 19.07 2.95
CA HIS B 236 34.70 20.45 2.79
C HIS B 236 36.09 20.51 2.19
N ALA B 237 37.01 19.68 2.71
CA ALA B 237 38.40 19.71 2.27
C ALA B 237 38.55 19.24 0.83
N ASN B 238 37.78 18.22 0.42
CA ASN B 238 38.08 17.50 -0.81
C ASN B 238 37.17 17.83 -1.97
N LEU B 239 35.98 18.38 -1.73
CA LEU B 239 35.14 18.87 -2.81
C LEU B 239 35.84 19.98 -3.60
N GLY B 240 35.96 19.79 -4.91
CA GLY B 240 36.62 20.75 -5.77
C GLY B 240 35.86 22.04 -5.96
N CYS B 241 34.61 22.11 -5.50
CA CYS B 241 33.77 23.28 -5.65
C CYS B 241 33.93 24.21 -4.44
N GLU B 242 33.30 25.37 -4.54
CA GLU B 242 33.07 26.18 -3.35
C GLU B 242 32.09 25.44 -2.45
N SER B 243 32.39 25.38 -1.15
CA SER B 243 31.51 24.70 -0.22
C SER B 243 31.57 25.42 1.12
N VAL B 244 30.49 25.26 1.89
CA VAL B 244 30.37 25.76 3.25
C VAL B 244 29.83 24.62 4.11
N VAL B 245 30.21 24.61 5.38
CA VAL B 245 29.84 23.54 6.31
C VAL B 245 29.06 24.16 7.46
N GLU B 246 28.02 23.45 7.92
CA GLU B 246 27.37 23.82 9.18
C GLU B 246 26.96 22.55 9.91
N VAL B 247 27.59 22.33 11.07
CA VAL B 247 27.28 21.20 11.94
C VAL B 247 26.25 21.68 12.95
N ILE B 248 25.05 21.08 12.89
CA ILE B 248 23.89 21.52 13.64
C ILE B 248 23.88 20.89 15.03
N PRO B 249 23.52 21.63 16.07
CA PRO B 249 23.26 20.99 17.37
C PRO B 249 21.99 20.16 17.32
N SER B 250 22.11 18.96 16.75
CA SER B 250 21.00 18.03 16.67
C SER B 250 21.56 16.62 16.71
N ASP B 251 20.67 15.69 17.01
CA ASP B 251 20.94 14.27 17.03
C ASP B 251 20.18 13.61 15.86
N GLY B 252 20.80 12.63 15.22
CA GLY B 252 20.01 11.82 14.30
C GLY B 252 20.42 11.98 12.84
N HIS B 253 20.20 10.90 12.07
CA HIS B 253 20.52 10.85 10.64
C HIS B 253 19.42 11.46 9.78
N LEU B 254 18.23 11.66 10.34
CA LEU B 254 17.11 12.31 9.64
C LEU B 254 16.66 13.54 10.43
N PRO B 255 17.57 14.50 10.65
CA PRO B 255 17.26 15.58 11.60
C PRO B 255 16.21 16.53 11.10
N GLN B 256 16.02 16.64 9.79
CA GLN B 256 14.94 17.47 9.29
C GLN B 256 13.57 16.86 9.60
N LEU B 257 13.53 15.56 9.92
CA LEU B 257 12.29 14.92 10.35
C LEU B 257 12.15 14.93 11.87
N SER B 258 13.21 14.59 12.60
CA SER B 258 13.11 14.41 14.05
C SER B 258 13.27 15.68 14.86
N SER B 259 14.05 16.67 14.41
CA SER B 259 14.23 17.92 15.16
C SER B 259 13.99 19.13 14.25
N PRO B 260 12.77 19.27 13.70
CA PRO B 260 12.55 20.38 12.77
C PRO B 260 12.77 21.77 13.38
N ASP B 261 12.43 21.96 14.65
CA ASP B 261 12.58 23.28 15.28
C ASP B 261 13.99 23.82 15.14
N SER B 262 15.00 22.98 15.34
CA SER B 262 16.37 23.44 15.23
C SER B 262 17.00 23.17 13.88
N VAL B 263 16.47 22.23 13.10
CA VAL B 263 17.13 21.85 11.86
C VAL B 263 16.58 22.63 10.68
N ILE B 264 15.25 22.80 10.59
CA ILE B 264 14.66 23.45 9.41
C ILE B 264 15.22 24.87 9.19
N PRO B 265 15.32 25.74 10.20
CA PRO B 265 15.90 27.07 9.95
C PRO B 265 17.32 27.02 9.39
N VAL B 266 18.12 26.03 9.79
CA VAL B 266 19.47 25.90 9.22
C VAL B 266 19.39 25.55 7.74
N ILE B 267 18.57 24.55 7.40
CA ILE B 267 18.41 24.18 6.01
C ILE B 267 17.92 25.36 5.19
N LEU B 268 17.01 26.16 5.75
CA LEU B 268 16.43 27.26 4.99
C LEU B 268 17.47 28.35 4.73
N ARG B 269 18.30 28.67 5.74
CA ARG B 269 19.36 29.64 5.52
C ARG B 269 20.19 29.24 4.32
N HIS B 270 20.54 27.96 4.21
CA HIS B 270 21.47 27.50 3.19
C HIS B 270 20.80 27.33 1.83
N ILE B 271 19.50 27.05 1.81
CA ILE B 271 18.73 27.10 0.58
C ILE B 271 18.64 28.54 0.06
N ARG B 272 18.33 29.47 0.95
CA ARG B 272 17.97 30.83 0.55
C ARG B 272 19.17 31.76 0.37
N ASN B 273 20.38 31.32 0.73
CA ASN B 273 21.57 32.15 0.64
C ASN B 273 22.69 31.39 -0.05
N ASP B 274 23.37 32.06 -0.98
CA ASP B 274 24.42 31.42 -1.76
C ASP B 274 25.78 31.70 -1.15
N ILE B 275 26.75 30.90 -1.56
CA ILE B 275 28.08 30.96 -0.99
C ILE B 275 28.78 32.28 -1.29
N GLU C 12 -18.10 29.69 -14.94
CA GLU C 12 -19.02 29.71 -13.81
C GLU C 12 -20.41 29.21 -14.17
N GLU C 13 -20.78 29.34 -15.44
CA GLU C 13 -22.09 28.88 -15.86
C GLU C 13 -22.05 27.39 -16.23
N HIS C 15 -20.36 25.21 -14.65
CA HIS C 15 -20.36 24.55 -13.34
C HIS C 15 -21.54 24.95 -12.47
N ASN C 16 -22.50 25.69 -13.03
CA ASN C 16 -23.73 26.08 -12.33
C ASN C 16 -23.41 26.77 -11.01
N VAL C 17 -22.42 27.67 -11.03
CA VAL C 17 -22.01 28.36 -9.82
C VAL C 17 -23.14 29.28 -9.36
N LYS C 18 -23.32 29.35 -8.04
CA LYS C 18 -24.37 30.13 -7.41
C LYS C 18 -23.78 30.77 -6.17
N VAL C 19 -23.92 32.09 -6.04
CA VAL C 19 -23.38 32.82 -4.90
C VAL C 19 -24.55 33.46 -4.16
N ILE C 20 -24.75 33.04 -2.91
CA ILE C 20 -25.80 33.60 -2.06
C ILE C 20 -25.21 34.10 -0.76
N GLY C 21 -26.05 34.32 0.23
CA GLY C 21 -25.61 34.79 1.54
C GLY C 21 -24.97 36.17 1.52
N SER C 22 -24.44 36.59 2.67
CA SER C 22 -23.85 37.91 2.81
C SER C 22 -22.83 37.88 3.94
N GLY C 23 -21.71 38.55 3.73
CA GLY C 23 -20.67 38.64 4.74
C GLY C 23 -19.30 38.73 4.12
N GLU C 24 -18.33 39.10 4.96
CA GLU C 24 -16.94 39.11 4.53
C GLU C 24 -16.43 37.69 4.30
N ALA C 25 -16.59 36.83 5.31
CA ALA C 25 -16.11 35.46 5.21
C ALA C 25 -16.89 34.69 4.15
N THR C 26 -16.17 34.09 3.21
CA THR C 26 -16.76 33.23 2.19
C THR C 26 -16.67 31.78 2.65
N ILE C 27 -17.69 31.00 2.33
CA ILE C 27 -17.66 29.56 2.47
C ILE C 27 -18.00 28.94 1.13
N VAL C 28 -17.21 27.95 0.71
CA VAL C 28 -17.40 27.26 -0.56
C VAL C 28 -17.72 25.80 -0.24
N LEU C 29 -18.75 25.26 -0.88
CA LEU C 29 -19.21 23.90 -0.65
C LEU C 29 -19.07 23.08 -1.91
N GLY C 30 -18.39 21.94 -1.82
CA GLY C 30 -18.19 21.04 -2.95
C GLY C 30 -18.78 19.65 -2.76
N HIS C 31 -19.59 19.20 -3.72
CA HIS C 31 -20.37 17.98 -3.55
C HIS C 31 -19.58 16.74 -4.01
N GLY C 32 -20.13 15.57 -3.70
CA GLY C 32 -19.47 14.32 -3.97
C GLY C 32 -19.97 13.66 -5.26
N PHE C 33 -19.50 12.44 -5.48
CA PHE C 33 -19.87 11.70 -6.68
C PHE C 33 -21.36 11.42 -6.69
N GLY C 34 -21.96 11.61 -7.86
CA GLY C 34 -23.33 11.19 -8.10
C GLY C 34 -24.39 12.16 -7.65
N THR C 35 -24.01 13.30 -7.08
CA THR C 35 -24.97 14.28 -6.59
C THR C 35 -24.67 15.63 -7.23
N ASP C 36 -25.22 16.72 -6.69
CA ASP C 36 -24.87 18.06 -7.15
C ASP C 36 -24.99 18.99 -5.95
N GLN C 37 -24.95 20.30 -6.21
CA GLN C 37 -24.96 21.28 -5.12
C GLN C 37 -26.22 21.18 -4.28
N SER C 38 -27.28 20.53 -4.79
CA SER C 38 -28.49 20.32 -4.00
C SER C 38 -28.27 19.41 -2.80
N VAL C 39 -27.14 18.70 -2.73
CA VAL C 39 -26.81 17.92 -1.55
C VAL C 39 -26.73 18.80 -0.32
N TRP C 40 -26.50 20.10 -0.50
CA TRP C 40 -26.27 21.03 0.58
C TRP C 40 -27.54 21.74 1.06
N LYS C 41 -28.70 21.30 0.58
CA LYS C 41 -29.93 22.08 0.79
C LYS C 41 -30.22 22.30 2.28
N HIS C 42 -29.79 21.37 3.15
CA HIS C 42 -30.09 21.49 4.58
C HIS C 42 -29.04 22.26 5.36
N LEU C 43 -27.90 22.56 4.75
CA LEU C 43 -26.83 23.32 5.37
C LEU C 43 -26.91 24.80 5.04
N VAL C 44 -27.18 25.13 3.76
CA VAL C 44 -27.08 26.53 3.32
C VAL C 44 -27.98 27.48 4.11
N PRO C 45 -29.24 27.13 4.43
CA PRO C 45 -30.07 28.09 5.19
C PRO C 45 -29.49 28.50 6.53
N HIS C 46 -28.59 27.70 7.12
CA HIS C 46 -27.94 28.08 8.37
C HIS C 46 -26.68 28.90 8.14
N LEU C 47 -26.31 29.15 6.88
CA LEU C 47 -25.09 29.87 6.53
C LEU C 47 -25.33 31.25 5.94
N VAL C 48 -26.48 31.48 5.28
CA VAL C 48 -26.62 32.66 4.44
C VAL C 48 -26.58 33.96 5.25
N ASP C 49 -26.91 33.91 6.54
CA ASP C 49 -26.91 35.13 7.36
C ASP C 49 -25.50 35.56 7.75
N ASP C 50 -24.60 34.60 7.98
CA ASP C 50 -23.26 34.91 8.48
C ASP C 50 -22.18 34.88 7.41
N TYR C 51 -22.40 34.18 6.30
CA TYR C 51 -21.36 33.94 5.31
C TYR C 51 -21.88 34.27 3.92
N ARG C 52 -20.97 34.68 3.05
CA ARG C 52 -21.22 34.55 1.62
C ARG C 52 -20.98 33.09 1.25
N VAL C 53 -21.92 32.50 0.53
CA VAL C 53 -21.95 31.07 0.26
C VAL C 53 -21.79 30.85 -1.23
N VAL C 54 -20.79 30.06 -1.61
CA VAL C 54 -20.54 29.73 -3.02
C VAL C 54 -20.84 28.25 -3.24
N LEU C 55 -21.78 27.98 -4.13
CA LEU C 55 -22.15 26.63 -4.53
C LEU C 55 -21.75 26.39 -5.99
N TYR C 56 -21.38 25.16 -6.31
CA TYR C 56 -21.07 24.79 -7.69
C TYR C 56 -21.30 23.30 -7.90
N ASP C 57 -21.21 22.89 -9.16
CA ASP C 57 -21.33 21.50 -9.56
C ASP C 57 -20.03 21.03 -10.19
N ASN C 58 -19.62 19.82 -9.84
CA ASN C 58 -18.48 19.19 -10.49
C ASN C 58 -18.85 18.83 -11.93
N MET C 59 -17.95 19.16 -12.86
CA MET C 59 -18.18 18.80 -14.26
C MET C 59 -18.33 17.29 -14.38
N GLY C 60 -19.44 16.84 -14.94
CA GLY C 60 -19.79 15.44 -15.00
C GLY C 60 -21.10 15.08 -14.36
N ALA C 61 -21.61 15.93 -13.47
CA ALA C 61 -22.95 15.74 -12.92
C ALA C 61 -23.98 15.79 -14.04
N GLY C 62 -25.08 15.07 -13.84
CA GLY C 62 -26.15 15.06 -14.83
C GLY C 62 -26.71 16.43 -15.16
N THR C 63 -26.40 17.42 -14.33
CA THR C 63 -26.85 18.80 -14.48
C THR C 63 -25.89 19.66 -15.28
N THR C 64 -24.73 19.13 -15.68
CA THR C 64 -23.77 19.85 -16.49
C THR C 64 -23.77 19.29 -17.91
N ASN C 65 -23.16 20.04 -18.82
CA ASN C 65 -23.21 19.69 -20.24
C ASN C 65 -22.28 18.51 -20.53
N PRO C 66 -22.78 17.43 -21.12
CA PRO C 66 -21.88 16.30 -21.49
C PRO C 66 -20.72 16.71 -22.37
N ASP C 67 -20.94 17.55 -23.38
CA ASP C 67 -19.87 17.94 -24.29
C ASP C 67 -18.72 18.61 -23.57
N TYR C 68 -18.94 19.11 -22.36
CA TYR C 68 -17.91 19.77 -21.58
C TYR C 68 -17.10 18.80 -20.73
N PHE C 69 -17.49 17.54 -20.63
CA PHE C 69 -16.77 16.56 -19.82
C PHE C 69 -15.57 16.05 -20.60
N ASP C 70 -14.41 16.64 -20.34
CA ASP C 70 -13.18 16.24 -21.02
C ASP C 70 -12.66 14.96 -20.37
N PHE C 71 -12.82 13.82 -21.07
CA PHE C 71 -12.43 12.54 -20.51
C PHE C 71 -10.95 12.44 -20.21
N ASP C 72 -10.13 13.34 -20.75
CA ASP C 72 -8.71 13.37 -20.41
C ASP C 72 -8.43 14.22 -19.19
N ARG C 73 -9.23 15.27 -18.96
CA ARG C 73 -9.01 16.18 -17.84
C ARG C 73 -9.54 15.61 -16.53
N TYR C 74 -10.63 14.86 -16.57
CA TYR C 74 -11.24 14.28 -15.38
C TYR C 74 -10.85 12.81 -15.17
N SER C 75 -9.71 12.41 -15.73
CA SER C 75 -9.06 11.16 -15.37
C SER C 75 -8.17 11.32 -14.15
N ASN C 76 -7.75 12.54 -13.85
CA ASN C 76 -7.07 12.91 -12.61
C ASN C 76 -8.09 13.55 -11.67
N LEU C 77 -7.72 13.60 -10.39
CA LEU C 77 -8.43 14.48 -9.46
C LEU C 77 -7.94 15.92 -9.58
N GLU C 78 -6.77 16.14 -10.19
CA GLU C 78 -6.32 17.51 -10.41
C GLU C 78 -7.17 18.24 -11.45
N GLY C 79 -7.82 17.49 -12.34
CA GLY C 79 -8.74 18.11 -13.28
C GLY C 79 -9.91 18.78 -12.57
N TYR C 80 -10.40 18.15 -11.50
CA TYR C 80 -11.44 18.79 -10.69
C TYR C 80 -10.86 19.87 -9.79
N SER C 81 -9.66 19.64 -9.26
CA SER C 81 -8.98 20.64 -8.46
C SER C 81 -8.71 21.90 -9.28
N ASP C 83 -10.42 23.09 -12.06
CA ASP C 83 -11.73 23.73 -12.13
C ASP C 83 -12.02 24.57 -10.89
N LEU C 84 -11.67 24.05 -9.73
CA LEU C 84 -11.87 24.75 -8.46
C LEU C 84 -10.73 25.73 -8.19
N ILE C 87 -12.40 28.53 -10.56
CA ILE C 87 -13.66 29.12 -10.13
C ILE C 87 -13.39 30.11 -9.01
N LEU C 88 -12.64 29.67 -8.00
CA LEU C 88 -12.29 30.55 -6.90
C LEU C 88 -11.57 31.80 -7.38
N GLU C 89 -10.76 31.68 -8.45
CA GLU C 89 -10.06 32.84 -8.99
C GLU C 89 -10.99 33.75 -9.78
N ASP C 90 -11.87 33.16 -10.59
CA ASP C 90 -12.83 33.94 -11.37
C ASP C 90 -13.70 34.81 -10.48
N LEU C 91 -14.11 34.28 -9.32
CA LEU C 91 -14.88 35.04 -8.34
C LEU C 91 -14.01 35.98 -7.51
N LYS C 92 -12.70 35.99 -7.75
CA LYS C 92 -11.78 36.90 -7.07
C LYS C 92 -11.82 36.74 -5.56
N ILE C 93 -12.01 35.51 -5.09
CA ILE C 93 -12.09 35.21 -3.68
C ILE C 93 -10.68 34.93 -3.16
N GLU C 94 -10.20 35.77 -2.24
CA GLU C 94 -8.84 35.64 -1.75
C GLU C 94 -8.71 34.58 -0.67
N SER C 95 -9.77 34.34 0.10
CA SER C 95 -9.76 33.36 1.17
C SER C 95 -11.18 32.83 1.35
N CYS C 96 -11.28 31.59 1.83
CA CYS C 96 -12.59 31.00 2.04
C CYS C 96 -12.45 29.75 2.90
N ILE C 97 -13.49 29.48 3.68
CA ILE C 97 -13.65 28.19 4.34
C ILE C 97 -14.25 27.23 3.32
N PHE C 98 -13.58 26.11 3.09
CA PHE C 98 -14.05 25.14 2.10
C PHE C 98 -14.60 23.90 2.80
N VAL C 99 -15.83 23.54 2.45
CA VAL C 99 -16.50 22.35 2.96
C VAL C 99 -16.54 21.34 1.83
N GLY C 100 -15.87 20.20 2.03
CA GLY C 100 -15.75 19.23 0.97
C GLY C 100 -16.37 17.88 1.28
N HIS C 101 -17.37 17.51 0.49
CA HIS C 101 -18.06 16.24 0.67
C HIS C 101 -17.40 15.17 -0.20
N SER C 102 -17.02 14.06 0.44
CA SER C 102 -16.57 12.85 -0.25
C SER C 102 -15.38 13.21 -1.13
N VAL C 103 -15.45 13.02 -2.45
CA VAL C 103 -14.28 13.29 -3.30
C VAL C 103 -13.89 14.76 -3.23
N SER C 104 -14.86 15.66 -2.99
CA SER C 104 -14.53 17.08 -2.95
C SER C 104 -13.57 17.40 -1.82
N ALA C 105 -13.55 16.59 -0.76
CA ALA C 105 -12.59 16.82 0.31
C ALA C 105 -11.16 16.63 -0.18
N MET C 106 -10.92 15.57 -0.95
CA MET C 106 -9.60 15.38 -1.57
C MET C 106 -9.36 16.41 -2.67
N ILE C 107 -10.39 16.70 -3.47
CA ILE C 107 -10.27 17.74 -4.49
C ILE C 107 -9.83 19.06 -3.85
N GLY C 108 -10.39 19.38 -2.67
CA GLY C 108 -10.04 20.63 -2.02
C GLY C 108 -8.70 20.62 -1.33
N VAL C 109 -8.30 19.47 -0.79
CA VAL C 109 -6.96 19.35 -0.22
C VAL C 109 -5.90 19.36 -1.32
N LEU C 110 -6.17 18.69 -2.43
CA LEU C 110 -5.28 18.78 -3.59
C LEU C 110 -5.18 20.22 -4.08
N ALA C 111 -6.33 20.91 -4.18
CA ALA C 111 -6.34 22.32 -4.54
C ALA C 111 -5.55 23.17 -3.57
N SER C 112 -5.56 22.81 -2.27
CA SER C 112 -4.87 23.60 -1.26
C SER C 112 -3.36 23.41 -1.29
N LEU C 113 -2.87 22.33 -1.92
CA LEU C 113 -1.42 22.19 -2.10
C LEU C 113 -0.91 23.24 -3.07
N ASN C 114 -1.59 23.40 -4.20
CA ASN C 114 -1.34 24.50 -5.13
C ASN C 114 -1.36 25.83 -4.40
N ARG C 115 -2.55 26.29 -4.05
CA ARG C 115 -2.75 27.61 -3.44
C ARG C 115 -3.07 27.46 -1.96
N PRO C 116 -2.11 27.65 -1.06
CA PRO C 116 -2.34 27.35 0.36
C PRO C 116 -2.99 28.49 1.13
N ASP C 117 -2.90 29.71 0.58
CA ASP C 117 -3.46 30.88 1.24
C ASP C 117 -4.94 31.06 0.94
N LEU C 118 -5.51 30.27 0.04
CA LEU C 118 -6.89 30.42 -0.40
C LEU C 118 -7.89 29.72 0.50
N PHE C 119 -7.44 28.85 1.40
CA PHE C 119 -8.33 28.08 2.27
C PHE C 119 -7.86 28.30 3.70
N SER C 120 -8.71 28.93 4.51
CA SER C 120 -8.41 29.08 5.93
C SER C 120 -8.71 27.83 6.73
N LYS C 121 -9.58 26.97 6.21
CA LYS C 121 -10.04 25.78 6.90
C LYS C 121 -10.68 24.86 5.87
N ILE C 122 -10.49 23.56 6.03
CA ILE C 122 -11.16 22.56 5.22
C ILE C 122 -11.98 21.69 6.16
N VAL C 123 -13.28 21.62 5.92
CA VAL C 123 -14.19 20.76 6.66
C VAL C 123 -14.54 19.60 5.76
N MET C 124 -14.05 18.40 6.09
CA MET C 124 -14.32 17.22 5.29
C MET C 124 -15.55 16.49 5.81
N ILE C 125 -16.39 16.04 4.87
CA ILE C 125 -17.53 15.18 5.17
C ILE C 125 -17.37 13.92 4.32
N SER C 126 -17.18 12.77 4.97
CA SER C 126 -17.09 11.48 4.29
C SER C 126 -15.83 11.36 3.43
N ALA C 127 -14.75 12.02 3.85
CA ALA C 127 -13.49 12.03 3.12
C ALA C 127 -12.76 10.69 3.21
N SER C 128 -12.02 10.37 2.15
CA SER C 128 -11.18 9.18 2.14
C SER C 128 -10.01 9.38 1.18
N PRO C 129 -8.77 9.13 1.63
CA PRO C 129 -7.62 9.24 0.72
C PRO C 129 -7.42 8.01 -0.14
N ARG C 130 -8.10 6.90 0.18
CA ARG C 130 -8.00 5.68 -0.62
C ARG C 130 -9.07 4.66 -0.22
N TYR C 131 -9.76 4.14 -1.21
CA TYR C 131 -10.84 3.19 -1.00
C TYR C 131 -10.39 1.73 -1.10
N VAL C 132 -9.35 1.46 -1.90
CA VAL C 132 -8.87 0.10 -2.09
C VAL C 132 -7.97 -0.32 -0.94
N ASN C 133 -8.16 -1.53 -0.43
CA ASN C 133 -7.34 -2.03 0.65
C ASN C 133 -5.93 -2.34 0.18
N ASP C 134 -4.97 -2.13 1.07
CA ASP C 134 -3.63 -2.68 0.97
C ASP C 134 -3.34 -3.48 2.24
N VAL C 135 -2.17 -4.12 2.27
CA VAL C 135 -1.88 -5.09 3.34
C VAL C 135 -1.82 -4.38 4.69
N ASP C 136 -1.50 -3.09 4.70
CA ASP C 136 -1.39 -2.31 5.92
C ASP C 136 -2.29 -1.09 5.89
N TYR C 137 -3.40 -1.15 5.14
CA TYR C 137 -4.31 -0.02 5.01
C TYR C 137 -5.71 -0.52 4.69
N GLN C 138 -6.67 -0.11 5.51
CA GLN C 138 -8.08 -0.47 5.30
C GLN C 138 -8.80 0.73 4.69
N GLY C 139 -9.18 0.60 3.43
CA GLY C 139 -9.96 1.62 2.75
C GLY C 139 -11.40 1.18 2.56
N GLY C 140 -11.65 -0.13 2.69
CA GLY C 140 -12.99 -0.67 2.67
C GLY C 140 -13.36 -1.47 1.45
N PHE C 141 -12.52 -1.48 0.41
CA PHE C 141 -12.88 -2.14 -0.83
C PHE C 141 -11.75 -3.04 -1.31
N GLU C 142 -12.12 -4.22 -1.79
CA GLU C 142 -11.22 -5.02 -2.58
C GLU C 142 -11.24 -4.52 -4.02
N GLN C 143 -10.15 -4.76 -4.75
CA GLN C 143 -10.16 -4.40 -6.17
C GLN C 143 -11.23 -5.16 -6.92
N GLU C 144 -11.52 -6.40 -6.53
CA GLU C 144 -12.57 -7.16 -7.21
C GLU C 144 -13.94 -6.61 -6.90
N ASP C 145 -14.11 -5.95 -5.74
CA ASP C 145 -15.36 -5.23 -5.48
C ASP C 145 -15.55 -4.09 -6.47
N LEU C 146 -14.49 -3.33 -6.73
CA LEU C 146 -14.59 -2.20 -7.66
C LEU C 146 -14.87 -2.67 -9.08
N ASN C 147 -14.08 -3.63 -9.58
CA ASN C 147 -14.27 -4.10 -10.95
C ASN C 147 -15.64 -4.73 -11.14
N GLN C 148 -16.19 -5.34 -10.08
CA GLN C 148 -17.55 -5.86 -10.15
C GLN C 148 -18.56 -4.72 -10.18
N LEU C 149 -18.27 -3.63 -9.46
CA LEU C 149 -19.16 -2.47 -9.46
C LEU C 149 -19.20 -1.80 -10.83
N PHE C 150 -18.03 -1.63 -11.47
CA PHE C 150 -18.00 -1.00 -12.79
C PHE C 150 -18.66 -1.88 -13.84
N GLU C 151 -18.70 -3.19 -13.63
CA GLU C 151 -19.39 -4.08 -14.56
C GLU C 151 -20.90 -3.93 -14.44
N ALA C 152 -21.42 -3.73 -13.23
CA ALA C 152 -22.83 -3.39 -13.08
C ALA C 152 -23.13 -2.05 -13.72
N ILE C 153 -22.21 -1.10 -13.60
CA ILE C 153 -22.29 0.16 -14.34
C ILE C 153 -22.42 -0.09 -15.83
N ARG C 154 -21.52 -0.93 -16.37
CA ARG C 154 -21.46 -1.18 -17.81
C ARG C 154 -22.69 -1.91 -18.31
N SER C 155 -23.09 -2.97 -17.62
CA SER C 155 -24.07 -3.91 -18.17
C SER C 155 -25.48 -3.34 -18.18
N ASN C 156 -25.81 -2.48 -17.22
CA ASN C 156 -27.13 -1.87 -17.12
C ASN C 156 -27.11 -0.70 -16.14
N TYR C 157 -27.29 0.52 -16.63
CA TYR C 157 -27.12 1.68 -15.76
C TYR C 157 -28.36 1.95 -14.93
N LYS C 158 -29.55 1.81 -15.51
CA LYS C 158 -30.78 2.16 -14.80
C LYS C 158 -30.96 1.30 -13.55
N ALA C 159 -30.81 -0.02 -13.70
CA ALA C 159 -31.00 -0.91 -12.55
C ALA C 159 -29.90 -0.78 -11.52
N TRP C 160 -28.74 -0.26 -11.90
CA TRP C 160 -27.66 -0.08 -10.93
C TRP C 160 -27.94 1.10 -10.01
N CYS C 161 -28.39 2.22 -10.57
CA CYS C 161 -28.72 3.38 -9.74
C CYS C 161 -29.78 3.04 -8.71
N LEU C 162 -30.81 2.28 -9.11
CA LEU C 162 -31.85 1.89 -8.17
C LEU C 162 -31.31 1.02 -7.04
N GLY C 163 -30.15 0.39 -7.23
CA GLY C 163 -29.56 -0.45 -6.21
C GLY C 163 -28.42 0.18 -5.46
N PHE C 164 -27.67 1.08 -6.12
CA PHE C 164 -26.51 1.70 -5.49
C PHE C 164 -26.90 2.88 -4.61
N ALA C 165 -27.86 3.70 -5.07
CA ALA C 165 -28.36 4.80 -4.24
C ALA C 165 -28.80 4.34 -2.86
N PRO C 166 -29.57 3.24 -2.69
CA PRO C 166 -29.92 2.80 -1.33
C PRO C 166 -28.73 2.36 -0.49
N LEU C 167 -27.62 1.97 -1.11
CA LEU C 167 -26.42 1.60 -0.36
C LEU C 167 -25.64 2.82 0.07
N ALA C 168 -25.44 3.76 -0.86
CA ALA C 168 -24.66 4.95 -0.56
C ALA C 168 -25.33 5.81 0.50
N VAL C 169 -26.66 5.94 0.42
CA VAL C 169 -27.37 6.87 1.30
C VAL C 169 -27.63 6.23 2.66
N GLY C 170 -27.97 4.94 2.68
CA GLY C 170 -28.24 4.26 3.93
C GLY C 170 -29.61 4.59 4.47
N GLY C 171 -29.91 4.05 5.64
CA GLY C 171 -31.23 4.27 6.21
C GLY C 171 -32.32 3.57 5.41
N ASP C 172 -33.53 4.11 5.51
CA ASP C 172 -34.67 3.52 4.82
C ASP C 172 -34.52 3.67 3.31
N MET C 173 -34.62 2.54 2.60
CA MET C 173 -34.40 2.55 1.16
C MET C 173 -35.42 3.39 0.40
N ASP C 174 -36.56 3.70 1.02
CA ASP C 174 -37.61 4.46 0.37
C ASP C 174 -37.65 5.92 0.81
N SER C 175 -36.68 6.34 1.63
CA SER C 175 -36.69 7.68 2.17
C SER C 175 -36.58 8.72 1.05
N ILE C 176 -36.80 9.97 1.43
CA ILE C 176 -36.68 11.07 0.47
C ILE C 176 -35.26 11.19 -0.03
N ALA C 177 -34.28 11.07 0.87
CA ALA C 177 -32.88 11.24 0.50
C ALA C 177 -32.45 10.19 -0.52
N VAL C 178 -32.93 8.95 -0.37
CA VAL C 178 -32.65 7.93 -1.38
C VAL C 178 -33.18 8.37 -2.73
N GLN C 179 -34.47 8.70 -2.80
CA GLN C 179 -35.08 9.16 -4.04
C GLN C 179 -34.26 10.26 -4.71
N GLU C 180 -33.94 11.33 -3.96
CA GLU C 180 -33.17 12.43 -4.52
C GLU C 180 -31.89 11.93 -5.16
N PHE C 181 -31.12 11.13 -4.42
CA PHE C 181 -29.83 10.67 -4.92
C PHE C 181 -29.99 9.68 -6.07
N SER C 182 -31.04 8.85 -6.03
CA SER C 182 -31.33 7.96 -7.16
C SER C 182 -31.51 8.76 -8.44
N ARG C 183 -32.34 9.81 -8.39
CA ARG C 183 -32.60 10.61 -9.59
C ARG C 183 -31.34 11.34 -10.05
N THR C 184 -30.62 12.00 -9.11
CA THR C 184 -29.40 12.68 -9.52
C THR C 184 -28.40 11.69 -10.09
N LEU C 185 -28.28 10.51 -9.49
CA LEU C 185 -27.39 9.47 -10.00
C LEU C 185 -27.76 9.09 -11.43
N PHE C 186 -29.01 8.67 -11.64
CA PHE C 186 -29.46 8.25 -12.97
C PHE C 186 -29.48 9.39 -13.97
N ASN C 187 -29.49 10.64 -13.53
CA ASN C 187 -29.51 11.78 -14.45
C ASN C 187 -28.15 12.04 -15.08
N MET C 188 -27.08 11.40 -14.63
CA MET C 188 -25.80 11.59 -15.31
C MET C 188 -25.65 10.58 -16.45
N ARG C 189 -24.79 10.92 -17.40
CA ARG C 189 -24.59 10.04 -18.55
C ARG C 189 -23.85 8.78 -18.10
N PRO C 190 -24.24 7.60 -18.59
CA PRO C 190 -23.65 6.37 -18.06
C PRO C 190 -22.15 6.24 -18.29
N ASP C 191 -21.62 6.82 -19.38
CA ASP C 191 -20.18 6.72 -19.59
C ASP C 191 -19.40 7.78 -18.83
N ILE C 192 -20.03 8.92 -18.50
CA ILE C 192 -19.38 9.84 -17.57
C ILE C 192 -19.35 9.23 -16.18
N ALA C 193 -20.46 8.62 -15.76
CA ALA C 193 -20.53 8.00 -14.44
C ALA C 193 -19.50 6.88 -14.30
N LEU C 194 -19.32 6.08 -15.36
CA LEU C 194 -18.34 5.00 -15.31
C LEU C 194 -16.93 5.54 -15.22
N SER C 195 -16.61 6.56 -16.01
CA SER C 195 -15.27 7.14 -15.96
C SER C 195 -15.01 7.78 -14.60
N VAL C 196 -15.96 8.58 -14.11
CA VAL C 196 -15.79 9.26 -12.83
C VAL C 196 -15.67 8.25 -11.70
N GLY C 197 -16.49 7.20 -11.73
CA GLY C 197 -16.41 6.17 -10.71
C GLY C 197 -15.06 5.49 -10.65
N GLN C 198 -14.49 5.17 -11.83
CA GLN C 198 -13.18 4.55 -11.86
C GLN C 198 -12.09 5.54 -11.41
N THR C 199 -12.20 6.80 -11.83
CA THR C 199 -11.19 7.77 -11.43
C THR C 199 -11.16 7.96 -9.91
N ILE C 200 -12.33 8.05 -9.30
CA ILE C 200 -12.39 8.33 -7.86
C ILE C 200 -12.08 7.08 -7.05
N PHE C 201 -12.73 5.96 -7.38
CA PHE C 201 -12.63 4.76 -6.53
C PHE C 201 -11.24 4.12 -6.60
N GLN C 202 -10.44 4.43 -7.62
CA GLN C 202 -9.08 3.92 -7.68
C GLN C 202 -8.04 4.91 -7.16
N SER C 203 -8.44 6.15 -6.87
CA SER C 203 -7.47 7.18 -6.51
C SER C 203 -6.71 6.82 -5.23
N ASP C 204 -5.59 7.51 -5.04
CA ASP C 204 -4.73 7.29 -3.87
C ASP C 204 -4.06 8.62 -3.56
N MET C 205 -4.53 9.29 -2.52
CA MET C 205 -4.02 10.59 -2.10
C MET C 205 -3.17 10.51 -0.85
N ARG C 206 -2.85 9.29 -0.40
CA ARG C 206 -2.22 9.13 0.91
C ARG C 206 -0.88 9.86 0.98
N GLN C 207 -0.19 10.02 -0.15
CA GLN C 207 1.18 10.53 -0.12
C GLN C 207 1.22 12.05 -0.01
N ILE C 208 0.23 12.76 -0.55
CA ILE C 208 0.16 14.21 -0.39
C ILE C 208 -0.27 14.63 1.01
N LEU C 209 -0.79 13.71 1.82
CA LEU C 209 -1.34 14.10 3.13
C LEU C 209 -0.35 14.79 4.06
N PRO C 210 0.91 14.34 4.20
CA PRO C 210 1.82 15.03 5.14
C PRO C 210 2.18 16.46 4.73
N PHE C 211 1.92 16.86 3.49
CA PHE C 211 2.25 18.20 3.02
C PHE C 211 1.04 19.12 2.96
N VAL C 212 -0.07 18.73 3.57
CA VAL C 212 -1.20 19.63 3.75
C VAL C 212 -0.96 20.48 4.99
N THR C 213 -1.27 21.77 4.89
CA THR C 213 -0.99 22.73 5.96
C THR C 213 -2.22 23.47 6.46
N VAL C 214 -3.26 23.59 5.65
CA VAL C 214 -4.52 24.23 6.06
C VAL C 214 -5.18 23.36 7.13
N PRO C 215 -5.76 23.94 8.19
CA PRO C 215 -6.47 23.12 9.19
C PRO C 215 -7.60 22.33 8.56
N CYS C 216 -7.75 21.08 9.01
CA CYS C 216 -8.75 20.16 8.49
C CYS C 216 -9.63 19.61 9.61
N HIS C 217 -10.93 19.54 9.33
CA HIS C 217 -11.93 19.03 10.25
C HIS C 217 -12.55 17.78 9.62
N ILE C 218 -12.25 16.63 10.19
CA ILE C 218 -12.56 15.34 9.57
C ILE C 218 -13.87 14.84 10.17
N LEU C 219 -14.96 14.91 9.40
CA LEU C 219 -16.28 14.49 9.85
C LEU C 219 -16.78 13.35 8.97
N GLN C 220 -17.35 12.33 9.60
CA GLN C 220 -17.95 11.25 8.81
C GLN C 220 -19.03 10.57 9.64
N SER C 221 -19.88 9.83 8.94
CA SER C 221 -20.84 8.96 9.59
C SER C 221 -20.15 7.75 10.21
N VAL C 222 -20.70 7.28 11.34
CA VAL C 222 -20.13 6.11 11.99
C VAL C 222 -20.25 4.89 11.09
N LYS C 223 -21.34 4.77 10.34
CA LYS C 223 -21.55 3.69 9.39
C LYS C 223 -21.62 4.29 7.99
N ASP C 224 -20.58 4.04 7.20
CA ASP C 224 -20.46 4.57 5.84
C ASP C 224 -19.75 3.50 5.02
N LEU C 225 -20.43 2.99 3.99
CA LEU C 225 -19.91 1.88 3.20
C LEU C 225 -18.63 2.22 2.46
N ALA C 226 -18.39 3.50 2.16
CA ALA C 226 -17.20 3.92 1.43
C ALA C 226 -16.10 4.45 2.32
N VAL C 227 -16.35 4.57 3.63
CA VAL C 227 -15.39 5.14 4.56
C VAL C 227 -15.48 4.39 5.89
N PRO C 228 -14.68 3.36 6.11
CA PRO C 228 -14.56 2.80 7.46
C PRO C 228 -14.00 3.86 8.40
N VAL C 229 -14.39 3.76 9.68
CA VAL C 229 -14.04 4.80 10.64
C VAL C 229 -12.53 4.94 10.79
N VAL C 230 -11.77 3.85 10.59
CA VAL C 230 -10.31 3.98 10.69
C VAL C 230 -9.75 4.92 9.63
N VAL C 231 -10.49 5.17 8.55
CA VAL C 231 -10.01 6.13 7.54
C VAL C 231 -9.94 7.53 8.15
N SER C 232 -10.96 7.94 8.91
CA SER C 232 -10.89 9.25 9.56
C SER C 232 -9.70 9.33 10.51
N GLU C 233 -9.39 8.24 11.20
CA GLU C 233 -8.21 8.23 12.06
C GLU C 233 -6.92 8.25 11.23
N TYR C 234 -6.91 7.60 10.07
CA TYR C 234 -5.75 7.63 9.20
C TYR C 234 -5.46 9.05 8.72
N LEU C 235 -6.48 9.73 8.18
CA LEU C 235 -6.34 11.14 7.82
C LEU C 235 -5.79 11.96 9.00
N HIS C 236 -6.31 11.72 10.20
CA HIS C 236 -5.89 12.48 11.37
C HIS C 236 -4.42 12.24 11.70
N ALA C 237 -3.92 11.04 11.46
CA ALA C 237 -2.56 10.71 11.82
C ALA C 237 -1.57 11.20 10.77
N ASN C 238 -1.99 11.33 9.51
CA ASN C 238 -1.09 11.56 8.40
C ASN C 238 -1.17 12.97 7.81
N LEU C 239 -2.29 13.67 7.98
CA LEU C 239 -2.35 15.06 7.57
C LEU C 239 -1.27 15.87 8.28
N GLY C 240 -0.46 16.58 7.49
CA GLY C 240 0.59 17.40 8.06
C GLY C 240 0.10 18.61 8.81
N CYS C 241 -1.17 18.94 8.66
CA CYS C 241 -1.78 20.05 9.38
C CYS C 241 -2.24 19.61 10.76
N GLU C 242 -2.65 20.58 11.57
CA GLU C 242 -3.37 20.26 12.79
C GLU C 242 -4.83 19.98 12.43
N SER C 243 -5.38 18.91 12.98
CA SER C 243 -6.71 18.47 12.56
C SER C 243 -7.49 17.93 13.75
N VAL C 244 -8.79 17.78 13.53
CA VAL C 244 -9.73 17.24 14.51
C VAL C 244 -10.65 16.26 13.79
N VAL C 245 -11.06 15.23 14.52
CA VAL C 245 -11.97 14.20 14.02
C VAL C 245 -13.26 14.25 14.83
N GLU C 246 -14.40 14.16 14.16
CA GLU C 246 -15.66 13.93 14.87
C GLU C 246 -16.46 12.92 14.07
N VAL C 247 -16.60 11.73 14.61
CA VAL C 247 -17.50 10.75 14.02
C VAL C 247 -18.91 11.07 14.49
N ILE C 248 -19.87 10.94 13.59
CA ILE C 248 -21.24 11.38 13.83
C ILE C 248 -22.11 10.14 13.96
N PRO C 249 -23.04 10.08 14.94
CA PRO C 249 -23.91 8.90 15.07
C PRO C 249 -24.99 8.89 13.98
N SER C 250 -24.53 8.97 12.75
CA SER C 250 -25.37 8.96 11.56
C SER C 250 -24.92 7.83 10.66
N ASP C 251 -25.71 7.59 9.63
CA ASP C 251 -25.49 6.48 8.72
C ASP C 251 -25.55 7.00 7.30
N GLY C 252 -24.57 6.61 6.49
CA GLY C 252 -24.62 6.96 5.09
C GLY C 252 -23.52 7.88 4.66
N HIS C 253 -23.28 7.91 3.34
CA HIS C 253 -22.18 8.62 2.74
C HIS C 253 -22.51 10.09 2.47
N LEU C 254 -23.80 10.43 2.42
CA LEU C 254 -24.26 11.82 2.24
C LEU C 254 -25.11 12.19 3.44
N PRO C 255 -24.55 12.15 4.64
CA PRO C 255 -25.39 12.33 5.84
C PRO C 255 -25.92 13.76 5.99
N GLN C 256 -25.24 14.75 5.40
CA GLN C 256 -25.75 16.11 5.40
C GLN C 256 -27.05 16.25 4.62
N LEU C 257 -27.39 15.26 3.79
CA LEU C 257 -28.66 15.16 3.08
C LEU C 257 -29.65 14.24 3.78
N SER C 258 -29.20 13.08 4.23
CA SER C 258 -30.09 12.04 4.76
C SER C 258 -30.45 12.23 6.23
N SER C 259 -29.58 12.84 7.03
CA SER C 259 -29.77 12.96 8.48
C SER C 259 -29.38 14.35 8.95
N PRO C 260 -30.07 15.39 8.47
CA PRO C 260 -29.61 16.75 8.79
C PRO C 260 -29.68 17.13 10.26
N ASP C 261 -30.67 16.61 11.02
CA ASP C 261 -30.77 16.94 12.44
C ASP C 261 -29.51 16.56 13.20
N SER C 262 -28.93 15.41 12.88
CA SER C 262 -27.75 14.93 13.59
C SER C 262 -26.44 15.31 12.91
N VAL C 263 -26.47 15.86 11.71
CA VAL C 263 -25.27 16.13 10.94
C VAL C 263 -25.00 17.64 10.80
N ILE C 264 -26.05 18.41 10.48
CA ILE C 264 -25.85 19.83 10.20
C ILE C 264 -25.32 20.60 11.40
N PRO C 265 -25.83 20.40 12.63
CA PRO C 265 -25.18 21.06 13.78
C PRO C 265 -23.73 20.67 13.96
N VAL C 266 -23.37 19.43 13.64
CA VAL C 266 -21.96 19.04 13.74
C VAL C 266 -21.12 19.84 12.76
N ILE C 267 -21.58 19.91 11.51
CA ILE C 267 -20.85 20.65 10.48
C ILE C 267 -20.73 22.13 10.87
N LEU C 268 -21.85 22.73 11.30
CA LEU C 268 -21.84 24.16 11.63
C LEU C 268 -20.88 24.46 12.78
N ARG C 269 -20.83 23.59 13.77
CA ARG C 269 -19.89 23.76 14.87
C ARG C 269 -18.45 23.81 14.36
N HIS C 270 -18.12 22.97 13.37
CA HIS C 270 -16.77 22.96 12.84
C HIS C 270 -16.52 24.09 11.85
N ILE C 271 -17.58 24.66 11.29
CA ILE C 271 -17.43 25.85 10.46
C ILE C 271 -17.20 27.08 11.33
N ARG C 272 -17.78 27.12 12.52
CA ARG C 272 -17.82 28.30 13.37
C ARG C 272 -16.75 28.33 14.45
N ASN C 273 -16.05 27.22 14.70
CA ASN C 273 -15.03 27.16 15.75
C ASN C 273 -13.72 26.66 15.16
N ASP C 274 -12.61 27.22 15.63
CA ASP C 274 -11.28 26.87 15.17
C ASP C 274 -10.56 26.02 16.21
N ILE C 275 -9.75 25.08 15.74
CA ILE C 275 -8.98 24.21 16.63
C ILE C 275 -8.05 25.04 17.53
#